data_5IHR
#
_entry.id   5IHR
#
_cell.length_a   85.144
_cell.length_b   111.406
_cell.length_c   125.855
_cell.angle_alpha   90.00
_cell.angle_beta   90.00
_cell.angle_gamma   90.00
#
_symmetry.space_group_name_H-M   'P 21 21 21'
#
loop_
_entity.id
_entity.type
_entity.pdbx_description
1 polymer 'Probable beta-galactosidase A'
2 branched alpha-D-mannopyranose-(1-2)-alpha-D-mannopyranose-(1-2)-alpha-D-mannopyranose-(1-3)-[alpha-D-mannopyranose-(1-3)-alpha-D-mannopyranose-(1-6)]beta-D-mannopyranose-(1-4)-2-acetamido-2-deoxy-beta-D-glucopyranose-(1-4)-2-acetamido-2-deoxy-beta-D-glucopyranose
3 branched alpha-D-mannopyranose-(1-2)-alpha-D-mannopyranose-(1-2)-alpha-D-mannopyranose-(1-3)-beta-D-mannopyranose-(1-4)-2-acetamido-2-deoxy-beta-D-glucopyranose-(1-4)-2-acetamido-2-deoxy-beta-D-glucopyranose
4 branched beta-D-galactopyranose-(1-6)-alpha-D-glucopyranose
5 non-polymer 2-acetamido-2-deoxy-beta-D-glucopyranose
6 non-polymer 'SULFATE ION'
7 non-polymer 'CHLORIDE ION'
8 non-polymer 'DIMETHYL SULFOXIDE'
9 water water
#
_entity_poly.entity_id   1
_entity_poly.type   'polypeptide(L)'
_entity_poly.pdbx_seq_one_letter_code
;MKLSSACAIALLAAQAAGASIKHRINGFTLTEHSDPAKRELLQKYVTWDDKSLFINGERIMIFSGEFHPFRLPVKELQLD
IFQKVKALGFNCVSFYVDWALVEGKPGEYRADGIFDLEPFFDAASEAGIYLLARPGPYINAESSGGGFPGWLQRVNGTLR
SSDKAYLDATDNYVSHVAATIAKYQITNGGPIILYQPENEYTSGCCGVEFPDPVYMQYVEDQARNAGVVIPLINNDASAS
GNNAPGTGKGAVDIYGHDSYPLGFDCANPTVWPSGDLPTNFRTLHLEQSPTTPYAIVQFQGGSYDPWGGPGFAACSELLN
NEFERVFYKNDFSFQIAIMNLYMIFGGTNWGNLGYPNGYTSYDYGSAVTESRNITREKYSELKLLGNFAKVSPGYLTASP
GNLTTSGYADTTDLTVTPLLGNSTGSFFVVRHSDYSSEESTSYKLRLPTSAGSVTIPQLGGTLTLNGRDSKIHVTDYNVS
GTNIIYSTAEVFTWKKFADGKVLVLYGGAGEHHELAISTKSNVTVIEGSESGISSKQTSSSVVVGWDVSTTRRIIQVGDL
KILLLDRNSAYNYWVPQLATDGTSPGFSTPEKVASSIIVKAGYLVRTAYLKGSGLYLTADFNATTSVEVIGVPSTAKNLF
INGDKTSHTVDKNGIWSATVDYNAPDISLPSLKDLDWKYVDTLPEIQSSYDDSLWPAADLKQTKNTLRSLTTPTSLYSSD
YGFHTGYLLYRGHFTATGNESTFAIDTQGGSAFGSSVWLNGTYLGSWTGLYANSDYNATYNLPQLQAGKTYVITVVIDNM
GLEENWTVGEDLMKTPRGILNFLLAGRPSSAISWKLTGNLGGEDYEDKVRGPLNEGGLYAERQGFHQPEPPSQNWKSSSP
LEGLSEAGIGFYSASFDLDLPKGWDVPLFLNIGNSTTPSPYRVQVYVNGYQYAKYISNIGPQTSFPVPEGILNYRGTNWL
AVTLWALDSAGGKLESLELSYTTPVLTALGEVESVDQPKYKKRKGAYHHHHHH
;
_entity_poly.pdbx_strand_id   A
#
# COMPACT_ATOMS: atom_id res chain seq x y z
N LEU A 41 -28.23 11.39 -7.08
CA LEU A 41 -28.71 11.28 -8.50
C LEU A 41 -29.40 9.94 -8.75
N LEU A 42 -28.63 8.86 -8.72
CA LEU A 42 -29.13 7.54 -9.09
C LEU A 42 -29.50 6.69 -7.88
N GLN A 43 -29.23 7.21 -6.68
CA GLN A 43 -29.53 6.50 -5.42
C GLN A 43 -29.48 7.50 -4.27
N LYS A 44 -29.96 7.07 -3.10
CA LYS A 44 -30.10 7.96 -1.93
C LYS A 44 -29.25 7.53 -0.74
N TYR A 45 -28.46 6.47 -0.90
CA TYR A 45 -27.61 5.96 0.18
C TYR A 45 -26.37 6.85 0.41
N VAL A 46 -25.79 7.37 -0.67
CA VAL A 46 -24.61 8.22 -0.60
C VAL A 46 -24.93 9.52 -1.31
N THR A 47 -25.05 10.59 -0.54
CA THR A 47 -25.29 11.92 -1.10
C THR A 47 -24.18 12.85 -0.59
N TRP A 48 -24.29 14.13 -0.92
CA TRP A 48 -23.32 15.11 -0.47
C TRP A 48 -23.87 16.51 -0.57
N ASP A 49 -23.22 17.42 0.14
CA ASP A 49 -23.37 18.85 -0.09
C ASP A 49 -21.98 19.45 -0.19
N ASP A 50 -21.85 20.76 -0.02
CA ASP A 50 -20.55 21.42 -0.13
C ASP A 50 -19.57 21.01 0.99
N LYS A 51 -20.09 20.55 2.13
CA LYS A 51 -19.26 20.25 3.30
C LYS A 51 -18.80 18.78 3.39
N SER A 52 -19.70 17.83 3.13
CA SER A 52 -19.38 16.42 3.35
C SER A 52 -20.24 15.45 2.55
N LEU A 53 -19.82 14.19 2.58
CA LEU A 53 -20.70 13.09 2.21
C LEU A 53 -21.72 12.89 3.31
N PHE A 54 -22.89 12.41 2.89
CA PHE A 54 -23.88 11.86 3.79
C PHE A 54 -23.98 10.37 3.44
N ILE A 55 -24.03 9.52 4.46
CA ILE A 55 -24.34 8.12 4.26
C ILE A 55 -25.59 7.80 5.08
N ASN A 56 -26.65 7.37 4.39
CA ASN A 56 -27.96 7.16 5.01
C ASN A 56 -28.46 8.42 5.75
N GLY A 57 -28.31 9.57 5.10
CA GLY A 57 -28.75 10.85 5.67
C GLY A 57 -27.89 11.46 6.76
N GLU A 58 -26.81 10.79 7.15
CA GLU A 58 -25.93 11.29 8.22
C GLU A 58 -24.56 11.70 7.66
N ARG A 59 -24.08 12.87 8.07
CA ARG A 59 -22.74 13.32 7.70
C ARG A 59 -21.71 12.34 8.21
N ILE A 60 -20.66 12.16 7.42
CA ILE A 60 -19.53 11.35 7.80
C ILE A 60 -18.25 11.91 7.19
N MET A 61 -17.18 11.94 7.99
CA MET A 61 -15.85 12.28 7.50
C MET A 61 -15.20 10.99 7.02
N ILE A 62 -14.98 10.88 5.72
CA ILE A 62 -14.36 9.70 5.14
C ILE A 62 -12.87 9.78 5.35
N PHE A 63 -12.35 8.86 6.15
CA PHE A 63 -10.92 8.79 6.41
C PHE A 63 -10.48 7.39 6.00
N SER A 64 -9.72 7.34 4.91
CA SER A 64 -9.50 6.12 4.15
C SER A 64 -8.02 5.82 4.01
N GLY A 65 -7.72 4.54 3.79
CA GLY A 65 -6.37 4.08 3.53
C GLY A 65 -6.35 3.22 2.28
N GLU A 66 -5.33 3.40 1.46
CA GLU A 66 -5.16 2.62 0.25
C GLU A 66 -4.52 1.25 0.53
N PHE A 67 -5.11 0.22 -0.06
CA PHE A 67 -4.76 -1.19 0.15
C PHE A 67 -5.09 -1.91 -1.15
N HIS A 68 -4.11 -2.58 -1.73
CA HIS A 68 -4.28 -3.28 -3.00
C HIS A 68 -4.38 -4.78 -2.78
N PRO A 69 -5.56 -5.38 -3.04
CA PRO A 69 -5.76 -6.79 -2.77
C PRO A 69 -4.79 -7.69 -3.52
N PHE A 70 -4.43 -7.28 -4.73
CA PHE A 70 -3.52 -8.05 -5.57
C PHE A 70 -2.07 -8.12 -5.04
N ARG A 71 -1.74 -7.23 -4.10
CA ARG A 71 -0.43 -7.22 -3.44
C ARG A 71 -0.42 -7.98 -2.11
N LEU A 72 -1.55 -8.58 -1.73
CA LEU A 72 -1.64 -9.48 -0.57
C LEU A 72 -2.74 -10.51 -0.83
N PRO A 73 -2.42 -11.55 -1.61
CA PRO A 73 -3.43 -12.44 -2.17
C PRO A 73 -3.80 -13.60 -1.23
N VAL A 74 -3.96 -13.29 0.05
CA VAL A 74 -4.34 -14.26 1.07
C VAL A 74 -5.50 -13.62 1.83
N LYS A 75 -6.68 -14.23 1.71
CA LYS A 75 -7.92 -13.58 2.14
C LYS A 75 -8.01 -13.32 3.65
N GLU A 76 -7.45 -14.20 4.48
CA GLU A 76 -7.47 -14.00 5.94
C GLU A 76 -6.59 -12.84 6.36
N LEU A 77 -5.50 -12.61 5.63
CA LEU A 77 -4.62 -11.49 5.94
C LEU A 77 -5.23 -10.17 5.47
N GLN A 78 -6.11 -10.23 4.47
CA GLN A 78 -6.85 -9.06 4.01
C GLN A 78 -7.74 -8.54 5.14
N LEU A 79 -8.40 -9.46 5.83
CA LEU A 79 -9.20 -9.13 7.00
C LEU A 79 -8.32 -8.55 8.09
N ASP A 80 -7.16 -9.16 8.31
CA ASP A 80 -6.18 -8.59 9.24
C ASP A 80 -5.98 -7.11 8.98
N ILE A 81 -5.71 -6.75 7.72
CA ILE A 81 -5.41 -5.37 7.36
C ILE A 81 -6.62 -4.48 7.61
N PHE A 82 -7.79 -4.90 7.12
CA PHE A 82 -9.01 -4.12 7.36
C PHE A 82 -9.22 -3.81 8.84
N GLN A 83 -8.98 -4.81 9.71
CA GLN A 83 -9.14 -4.64 11.16
C GLN A 83 -8.09 -3.68 11.74
N LYS A 84 -6.88 -3.73 11.22
CA LYS A 84 -5.87 -2.74 11.61
C LYS A 84 -6.24 -1.32 11.15
N VAL A 85 -6.90 -1.22 10.00
CA VAL A 85 -7.35 0.09 9.52
C VAL A 85 -8.48 0.65 10.38
N LYS A 86 -9.46 -0.19 10.69
CA LYS A 86 -10.58 0.21 11.52
C LYS A 86 -10.12 0.68 12.90
N ALA A 87 -9.08 0.06 13.44
CA ALA A 87 -8.53 0.44 14.73
C ALA A 87 -7.83 1.80 14.71
N LEU A 88 -7.50 2.30 13.52
CA LEU A 88 -7.02 3.67 13.40
C LEU A 88 -8.12 4.70 13.60
N GLY A 89 -9.37 4.27 13.62
CA GLY A 89 -10.51 5.19 13.60
C GLY A 89 -11.00 5.43 12.17
N PHE A 90 -10.38 4.76 11.21
CA PHE A 90 -10.73 4.96 9.80
C PHE A 90 -12.04 4.25 9.51
N ASN A 91 -12.71 4.69 8.46
CA ASN A 91 -13.98 4.10 8.06
C ASN A 91 -13.99 3.63 6.62
N CYS A 92 -12.84 3.70 5.94
CA CYS A 92 -12.79 3.45 4.51
C CYS A 92 -11.44 2.92 4.03
N VAL A 93 -11.49 2.18 2.93
CA VAL A 93 -10.30 1.71 2.27
C VAL A 93 -10.51 1.92 0.79
N SER A 94 -9.46 2.36 0.11
CA SER A 94 -9.48 2.53 -1.35
C SER A 94 -8.59 1.46 -1.96
N PHE A 95 -8.98 0.93 -3.11
CA PHE A 95 -8.26 -0.19 -3.70
C PHE A 95 -8.27 -0.10 -5.21
N TYR A 96 -7.16 -0.56 -5.82
CA TYR A 96 -7.05 -0.69 -7.26
C TYR A 96 -7.37 -2.12 -7.63
N VAL A 97 -7.77 -2.32 -8.88
CA VAL A 97 -7.82 -3.62 -9.50
C VAL A 97 -6.81 -3.57 -10.64
N ASP A 98 -6.01 -4.63 -10.77
CA ASP A 98 -4.93 -4.67 -11.74
C ASP A 98 -5.41 -5.48 -12.91
N TRP A 99 -5.83 -4.77 -13.95
CA TRP A 99 -6.26 -5.39 -15.20
C TRP A 99 -5.27 -6.44 -15.73
N ALA A 100 -3.97 -6.15 -15.62
CA ALA A 100 -2.94 -7.04 -16.16
C ALA A 100 -2.94 -8.43 -15.52
N LEU A 101 -3.44 -8.54 -14.30
CA LEU A 101 -3.48 -9.82 -13.61
C LEU A 101 -4.73 -10.63 -13.92
N VAL A 102 -5.80 -9.98 -14.35
CA VAL A 102 -7.10 -10.64 -14.50
C VAL A 102 -7.59 -10.80 -15.93
N GLU A 103 -6.88 -10.23 -16.91
CA GLU A 103 -7.15 -10.51 -18.31
C GLU A 103 -5.82 -10.64 -19.06
N GLY A 104 -4.98 -11.56 -18.59
CA GLY A 104 -3.71 -11.86 -19.24
C GLY A 104 -3.89 -12.34 -20.67
N LYS A 105 -4.97 -13.06 -20.93
CA LYS A 105 -5.33 -13.45 -22.28
C LYS A 105 -6.52 -12.62 -22.74
N PRO A 106 -6.38 -11.90 -23.87
CA PRO A 106 -7.48 -11.09 -24.37
C PRO A 106 -8.79 -11.89 -24.46
N GLY A 107 -9.85 -11.37 -23.87
CA GLY A 107 -11.15 -12.04 -23.92
C GLY A 107 -11.40 -13.06 -22.83
N GLU A 108 -10.41 -13.29 -21.96
CA GLU A 108 -10.60 -14.22 -20.84
C GLU A 108 -10.39 -13.53 -19.49
N TYR A 109 -11.46 -12.98 -18.94
CA TYR A 109 -11.42 -12.38 -17.61
C TYR A 109 -11.42 -13.47 -16.55
N ARG A 110 -10.41 -13.43 -15.68
CA ARG A 110 -10.28 -14.40 -14.61
C ARG A 110 -9.93 -13.64 -13.35
N ALA A 111 -10.93 -13.40 -12.52
CA ALA A 111 -10.72 -12.83 -11.20
C ALA A 111 -11.25 -13.84 -10.20
N ASP A 112 -10.59 -15.00 -10.20
CA ASP A 112 -10.92 -16.15 -9.38
C ASP A 112 -9.79 -16.46 -8.42
N GLY A 113 -10.09 -17.30 -7.43
CA GLY A 113 -9.11 -17.75 -6.44
C GLY A 113 -8.44 -16.61 -5.71
N ILE A 114 -7.12 -16.53 -5.85
CA ILE A 114 -6.36 -15.50 -5.17
C ILE A 114 -6.69 -14.10 -5.68
N PHE A 115 -7.24 -14.00 -6.88
CA PHE A 115 -7.64 -12.72 -7.48
C PHE A 115 -9.12 -12.38 -7.31
N ASP A 116 -9.86 -13.22 -6.59
CA ASP A 116 -11.28 -12.99 -6.35
C ASP A 116 -11.48 -11.74 -5.48
N LEU A 117 -12.27 -10.80 -5.97
CA LEU A 117 -12.58 -9.59 -5.21
C LEU A 117 -13.66 -9.82 -4.14
N GLU A 118 -14.47 -10.86 -4.26
CA GLU A 118 -15.62 -11.02 -3.36
C GLU A 118 -15.23 -11.27 -1.90
N PRO A 119 -14.24 -12.13 -1.63
CA PRO A 119 -13.77 -12.27 -0.25
C PRO A 119 -13.18 -10.98 0.31
N PHE A 120 -12.52 -10.21 -0.56
CA PHE A 120 -11.96 -8.91 -0.19
C PHE A 120 -13.08 -7.99 0.27
N PHE A 121 -14.16 -7.95 -0.50
CA PHE A 121 -15.32 -7.12 -0.16
C PHE A 121 -16.01 -7.61 1.12
N ASP A 122 -16.12 -8.93 1.31
CA ASP A 122 -16.69 -9.49 2.54
C ASP A 122 -15.81 -9.28 3.77
N ALA A 123 -14.49 -9.29 3.59
CA ALA A 123 -13.59 -8.92 4.67
C ALA A 123 -13.83 -7.46 5.12
N ALA A 124 -14.04 -6.55 4.15
CA ALA A 124 -14.30 -5.15 4.46
C ALA A 124 -15.61 -4.98 5.23
N SER A 125 -16.67 -5.65 4.77
CA SER A 125 -17.94 -5.64 5.49
C SER A 125 -17.79 -6.19 6.90
N GLU A 126 -17.07 -7.30 7.03
CA GLU A 126 -16.82 -7.94 8.32
C GLU A 126 -16.08 -6.99 9.29
N ALA A 127 -15.14 -6.21 8.75
CA ALA A 127 -14.37 -5.28 9.57
C ALA A 127 -15.07 -3.93 9.75
N GLY A 128 -16.13 -3.68 8.99
CA GLY A 128 -16.88 -2.44 9.09
C GLY A 128 -16.19 -1.32 8.35
N ILE A 129 -15.66 -1.64 7.17
CA ILE A 129 -14.89 -0.69 6.39
C ILE A 129 -15.59 -0.49 5.07
N TYR A 130 -15.93 0.77 4.77
CA TYR A 130 -16.47 1.14 3.48
C TYR A 130 -15.35 1.10 2.46
N LEU A 131 -15.70 1.05 1.18
CA LEU A 131 -14.69 0.98 0.13
C LEU A 131 -14.88 2.04 -0.96
N LEU A 132 -13.76 2.60 -1.41
CA LEU A 132 -13.71 3.36 -2.64
C LEU A 132 -13.04 2.48 -3.70
N ALA A 133 -13.78 2.16 -4.75
CA ALA A 133 -13.31 1.24 -5.80
C ALA A 133 -12.65 1.99 -6.95
N ARG A 134 -11.44 1.57 -7.31
CA ARG A 134 -10.65 2.21 -8.35
C ARG A 134 -10.10 1.16 -9.34
N PRO A 135 -10.99 0.65 -10.21
CA PRO A 135 -10.63 -0.44 -11.09
C PRO A 135 -9.93 0.02 -12.36
N GLY A 136 -9.73 1.32 -12.53
CA GLY A 136 -9.00 1.82 -13.68
C GLY A 136 -9.94 2.11 -14.84
N PRO A 137 -9.70 1.48 -16.02
CA PRO A 137 -8.72 0.45 -16.38
C PRO A 137 -7.27 0.80 -16.13
N TYR A 138 -6.90 2.05 -16.34
CA TYR A 138 -5.53 2.48 -16.06
C TYR A 138 -5.43 2.82 -14.57
N ILE A 139 -4.46 2.23 -13.87
CA ILE A 139 -4.28 2.49 -12.43
C ILE A 139 -2.94 3.08 -12.03
N ASN A 140 -1.93 2.96 -12.91
CA ASN A 140 -0.56 3.36 -12.56
C ASN A 140 -0.04 2.44 -11.43
N ALA A 141 -0.01 2.93 -10.19
CA ALA A 141 0.18 2.11 -9.00
C ALA A 141 1.53 1.40 -8.92
N GLU A 142 2.53 1.90 -9.62
CA GLU A 142 3.84 1.25 -9.66
C GLU A 142 3.72 -0.22 -10.05
N SER A 143 2.74 -0.50 -10.92
CA SER A 143 2.51 -1.85 -11.39
C SER A 143 2.91 -1.93 -12.84
N SER A 144 3.25 -3.13 -13.29
CA SER A 144 3.60 -3.39 -14.66
C SER A 144 2.51 -2.92 -15.61
N GLY A 145 2.90 -2.12 -16.60
CA GLY A 145 1.96 -1.55 -17.57
C GLY A 145 1.07 -0.47 -16.97
N GLY A 146 1.36 -0.03 -15.75
CA GLY A 146 0.42 0.78 -14.98
C GLY A 146 -0.98 0.17 -14.93
N GLY A 147 -1.04 -1.17 -14.88
CA GLY A 147 -2.30 -1.89 -14.91
C GLY A 147 -2.64 -2.52 -16.26
N PHE A 148 -2.08 -2.00 -17.35
CA PHE A 148 -2.42 -2.50 -18.69
C PHE A 148 -1.77 -3.85 -19.00
N PRO A 149 -2.56 -4.84 -19.48
CA PRO A 149 -1.92 -6.08 -19.97
C PRO A 149 -0.95 -5.81 -21.11
N GLY A 150 0.09 -6.61 -21.22
CA GLY A 150 1.08 -6.43 -22.27
C GLY A 150 0.52 -6.48 -23.69
N TRP A 151 -0.63 -7.11 -23.89
CA TRP A 151 -1.21 -7.14 -25.24
C TRP A 151 -1.74 -5.78 -25.74
N LEU A 152 -1.86 -4.77 -24.86
CA LEU A 152 -2.11 -3.41 -25.33
C LEU A 152 -0.98 -2.84 -26.18
N GLN A 153 0.21 -3.46 -26.15
CA GLN A 153 1.28 -3.09 -27.07
C GLN A 153 0.91 -3.40 -28.54
N ARG A 154 -0.16 -4.16 -28.77
CA ARG A 154 -0.62 -4.48 -30.12
C ARG A 154 -1.89 -3.72 -30.54
N VAL A 155 -2.35 -2.81 -29.69
CA VAL A 155 -3.56 -2.06 -29.97
C VAL A 155 -3.23 -0.86 -30.87
N ASN A 156 -3.93 -0.77 -32.00
CA ASN A 156 -3.73 0.31 -32.97
C ASN A 156 -4.56 1.53 -32.62
N GLY A 157 -4.13 2.23 -31.58
CA GLY A 157 -4.85 3.39 -31.08
C GLY A 157 -4.13 3.93 -29.86
N THR A 158 -4.35 5.21 -29.57
CA THR A 158 -3.71 5.86 -28.44
C THR A 158 -4.33 5.37 -27.14
N LEU A 159 -3.49 4.96 -26.21
CA LEU A 159 -3.98 4.47 -24.93
C LEU A 159 -4.53 5.64 -24.13
N ARG A 160 -5.57 5.34 -23.36
CA ARG A 160 -6.29 6.31 -22.54
C ARG A 160 -6.89 7.43 -23.38
N SER A 161 -7.42 7.07 -24.55
CA SER A 161 -8.05 7.99 -25.47
C SER A 161 -9.35 7.43 -26.05
N SER A 162 -10.05 8.26 -26.81
CA SER A 162 -11.32 7.88 -27.43
C SER A 162 -11.16 7.06 -28.72
N ASP A 163 -9.93 6.77 -29.13
CA ASP A 163 -9.68 5.85 -30.24
C ASP A 163 -10.38 4.52 -29.99
N LYS A 164 -11.19 4.10 -30.95
CA LYS A 164 -12.06 2.93 -30.80
C LYS A 164 -11.28 1.66 -30.42
N ALA A 165 -10.11 1.47 -31.02
CA ALA A 165 -9.31 0.28 -30.75
C ALA A 165 -8.89 0.18 -29.28
N TYR A 166 -8.61 1.31 -28.61
CA TYR A 166 -8.35 1.28 -27.17
C TYR A 166 -9.62 1.02 -26.37
N LEU A 167 -10.66 1.79 -26.62
CA LEU A 167 -11.91 1.65 -25.89
C LEU A 167 -12.45 0.23 -26.00
N ASP A 168 -12.45 -0.32 -27.22
CA ASP A 168 -12.84 -1.72 -27.45
C ASP A 168 -12.04 -2.71 -26.61
N ALA A 169 -10.73 -2.48 -26.53
CA ALA A 169 -9.87 -3.32 -25.73
C ALA A 169 -10.23 -3.34 -24.24
N THR A 170 -10.84 -2.26 -23.74
CA THR A 170 -11.19 -2.16 -22.31
C THR A 170 -12.57 -2.74 -21.96
N ASP A 171 -13.46 -2.92 -22.94
CA ASP A 171 -14.88 -3.18 -22.67
C ASP A 171 -15.13 -4.47 -21.90
N ASN A 172 -14.46 -5.54 -22.29
CA ASN A 172 -14.60 -6.82 -21.59
C ASN A 172 -14.15 -6.73 -20.14
N TYR A 173 -13.02 -6.06 -19.89
CA TYR A 173 -12.51 -5.91 -18.53
C TYR A 173 -13.47 -5.11 -17.67
N VAL A 174 -13.88 -3.94 -18.15
CA VAL A 174 -14.72 -3.07 -17.34
C VAL A 174 -16.12 -3.66 -17.09
N SER A 175 -16.70 -4.30 -18.10
CA SER A 175 -18.03 -4.88 -17.94
C SER A 175 -17.99 -6.00 -16.88
N HIS A 176 -16.87 -6.68 -16.75
CA HIS A 176 -16.69 -7.68 -15.71
C HIS A 176 -16.42 -7.04 -14.34
N VAL A 177 -15.40 -6.22 -14.25
CA VAL A 177 -14.95 -5.72 -12.93
C VAL A 177 -15.98 -4.77 -12.32
N ALA A 178 -16.59 -3.94 -13.17
CA ALA A 178 -17.61 -3.00 -12.70
C ALA A 178 -18.88 -3.72 -12.28
N ALA A 179 -19.21 -4.83 -12.93
CA ALA A 179 -20.37 -5.62 -12.50
C ALA A 179 -20.17 -6.20 -11.10
N THR A 180 -18.95 -6.65 -10.81
CA THR A 180 -18.62 -7.22 -9.50
C THR A 180 -18.67 -6.13 -8.43
N ILE A 181 -18.14 -4.97 -8.78
CA ILE A 181 -18.21 -3.80 -7.91
C ILE A 181 -19.66 -3.38 -7.70
N ALA A 182 -20.45 -3.45 -8.76
CA ALA A 182 -21.85 -3.07 -8.70
C ALA A 182 -22.65 -3.93 -7.73
N LYS A 183 -22.42 -5.24 -7.81
CA LYS A 183 -23.02 -6.18 -6.87
C LYS A 183 -22.75 -5.84 -5.38
N TYR A 184 -21.61 -5.22 -5.08
CA TYR A 184 -21.21 -4.91 -3.71
C TYR A 184 -21.33 -3.43 -3.33
N GLN A 185 -22.07 -2.66 -4.11
CA GLN A 185 -22.41 -1.29 -3.71
C GLN A 185 -23.22 -1.26 -2.42
N ILE A 186 -23.09 -0.18 -1.67
CA ILE A 186 -23.90 0.06 -0.48
C ILE A 186 -25.42 0.03 -0.79
N THR A 187 -25.81 0.42 -1.99
CA THR A 187 -27.20 0.30 -2.44
C THR A 187 -27.75 -1.14 -2.40
N ASN A 188 -26.86 -2.13 -2.38
CA ASN A 188 -27.24 -3.52 -2.27
C ASN A 188 -26.90 -4.12 -0.91
N GLY A 189 -26.53 -3.29 0.07
CA GLY A 189 -26.11 -3.78 1.38
C GLY A 189 -24.66 -4.22 1.41
N GLY A 190 -23.84 -3.69 0.50
CA GLY A 190 -22.42 -4.00 0.45
C GLY A 190 -21.62 -2.82 0.99
N PRO A 191 -20.30 -2.91 0.93
CA PRO A 191 -19.41 -1.90 1.50
C PRO A 191 -18.97 -0.76 0.56
N ILE A 192 -19.22 -0.88 -0.74
CA ILE A 192 -18.67 0.08 -1.69
C ILE A 192 -19.53 1.34 -1.78
N ILE A 193 -18.93 2.51 -1.51
CA ILE A 193 -19.64 3.80 -1.48
C ILE A 193 -19.22 4.82 -2.56
N LEU A 194 -18.02 4.66 -3.12
CA LEU A 194 -17.52 5.58 -4.15
C LEU A 194 -16.79 4.79 -5.24
N TYR A 195 -16.82 5.30 -6.45
CA TYR A 195 -16.18 4.67 -7.60
C TYR A 195 -15.33 5.70 -8.33
N GLN A 196 -14.09 5.33 -8.64
CA GLN A 196 -13.23 6.20 -9.40
C GLN A 196 -13.05 5.62 -10.79
N PRO A 197 -13.44 6.38 -11.81
CA PRO A 197 -13.13 5.99 -13.17
C PRO A 197 -11.77 6.55 -13.57
N GLU A 198 -10.96 5.74 -14.25
CA GLU A 198 -9.64 6.20 -14.72
C GLU A 198 -8.73 6.48 -13.51
N ASN A 199 -7.57 7.08 -13.76
CA ASN A 199 -6.65 7.43 -12.70
C ASN A 199 -5.76 8.59 -13.13
N GLU A 200 -5.84 9.71 -12.42
CA GLU A 200 -4.98 10.85 -12.67
C GLU A 200 -5.01 11.24 -14.15
N TYR A 201 -6.21 11.46 -14.67
CA TYR A 201 -6.38 11.91 -16.03
C TYR A 201 -6.10 13.40 -15.98
N THR A 202 -4.84 13.76 -16.20
CA THR A 202 -4.32 15.08 -15.82
C THR A 202 -3.38 15.74 -16.84
N SER A 203 -2.48 14.98 -17.46
CA SER A 203 -1.61 15.53 -18.49
C SER A 203 -1.70 14.74 -19.78
N GLY A 204 -1.68 15.47 -20.90
CA GLY A 204 -1.65 14.91 -22.23
C GLY A 204 -0.47 15.48 -23.02
N CYS A 205 -0.26 14.94 -24.21
CA CYS A 205 0.77 15.41 -25.11
C CYS A 205 0.44 14.89 -26.51
N CYS A 206 1.31 15.22 -27.46
CA CYS A 206 1.52 14.41 -28.66
C CYS A 206 0.32 14.30 -29.60
N GLY A 207 -0.52 15.33 -29.63
CA GLY A 207 -1.66 15.38 -30.55
C GLY A 207 -3.02 15.19 -29.92
N VAL A 208 -3.06 14.59 -28.73
CA VAL A 208 -4.33 14.37 -28.03
C VAL A 208 -4.90 15.72 -27.58
N GLU A 209 -6.22 15.89 -27.73
CA GLU A 209 -6.88 17.12 -27.29
C GLU A 209 -7.34 16.97 -25.84
N PHE A 210 -6.41 17.28 -24.95
CA PHE A 210 -6.58 17.02 -23.53
C PHE A 210 -7.17 18.22 -22.82
N PRO A 211 -8.15 18.02 -21.91
CA PRO A 211 -8.82 16.76 -21.57
C PRO A 211 -9.89 16.43 -22.61
N ASP A 212 -9.96 15.17 -23.04
CA ASP A 212 -10.99 14.76 -23.99
C ASP A 212 -12.25 14.38 -23.21
N PRO A 213 -13.32 15.20 -23.35
CA PRO A 213 -14.56 14.90 -22.60
C PRO A 213 -15.31 13.69 -23.12
N VAL A 214 -15.18 13.37 -24.40
CA VAL A 214 -15.79 12.17 -24.97
C VAL A 214 -15.17 10.93 -24.35
N TYR A 215 -13.86 10.97 -24.11
CA TYR A 215 -13.15 9.85 -23.51
C TYR A 215 -13.60 9.58 -22.07
N MET A 216 -13.60 10.61 -21.22
CA MET A 216 -14.01 10.43 -19.83
C MET A 216 -15.50 10.09 -19.71
N GLN A 217 -16.34 10.70 -20.55
CA GLN A 217 -17.76 10.34 -20.53
C GLN A 217 -17.95 8.86 -20.85
N TYR A 218 -17.20 8.35 -21.82
CA TYR A 218 -17.27 6.93 -22.17
C TYR A 218 -16.87 6.01 -21.01
N VAL A 219 -15.77 6.37 -20.34
CA VAL A 219 -15.28 5.59 -19.20
C VAL A 219 -16.31 5.63 -18.08
N GLU A 220 -16.94 6.78 -17.89
CA GLU A 220 -18.01 6.90 -16.90
C GLU A 220 -19.25 6.06 -17.29
N ASP A 221 -19.63 6.07 -18.58
CA ASP A 221 -20.78 5.29 -19.03
C ASP A 221 -20.56 3.78 -18.93
N GLN A 222 -19.32 3.33 -19.11
CA GLN A 222 -19.00 1.91 -18.94
C GLN A 222 -19.35 1.45 -17.54
N ALA A 223 -18.97 2.24 -16.54
CA ALA A 223 -19.28 1.95 -15.15
C ALA A 223 -20.78 1.95 -14.90
N ARG A 224 -21.46 3.00 -15.36
CA ARG A 224 -22.93 3.10 -15.23
C ARG A 224 -23.66 1.93 -15.89
N ASN A 225 -23.22 1.57 -17.09
CA ASN A 225 -23.83 0.46 -17.85
C ASN A 225 -23.66 -0.89 -17.17
N ALA A 226 -22.62 -1.04 -16.38
CA ALA A 226 -22.44 -2.25 -15.58
C ALA A 226 -23.24 -2.26 -14.26
N GLY A 227 -24.01 -1.19 -13.99
CA GLY A 227 -24.85 -1.12 -12.79
C GLY A 227 -24.31 -0.29 -11.63
N VAL A 228 -23.19 0.41 -11.85
CA VAL A 228 -22.65 1.31 -10.82
C VAL A 228 -23.49 2.59 -10.70
N VAL A 229 -24.14 2.77 -9.56
CA VAL A 229 -25.01 3.92 -9.32
C VAL A 229 -24.45 4.87 -8.26
N ILE A 230 -23.50 4.42 -7.47
CA ILE A 230 -22.88 5.29 -6.45
C ILE A 230 -22.11 6.43 -7.11
N PRO A 231 -21.78 7.47 -6.35
CA PRO A 231 -21.10 8.63 -6.95
C PRO A 231 -19.71 8.30 -7.52
N LEU A 232 -19.36 9.02 -8.59
CA LEU A 232 -18.08 8.89 -9.23
C LEU A 232 -17.20 9.99 -8.74
N ILE A 233 -15.94 9.66 -8.46
CA ILE A 233 -14.99 10.62 -7.92
C ILE A 233 -13.72 10.46 -8.71
N ASN A 234 -13.11 11.58 -9.12
CA ASN A 234 -11.85 11.51 -9.85
C ASN A 234 -10.68 11.83 -8.92
N ASN A 235 -9.47 11.62 -9.43
CA ASN A 235 -8.25 11.91 -8.70
C ASN A 235 -7.21 12.61 -9.58
N ASP A 236 -7.50 13.86 -9.90
CA ASP A 236 -6.59 14.74 -10.62
C ASP A 236 -5.21 14.70 -9.93
N ALA A 237 -4.14 14.55 -10.70
CA ALA A 237 -2.77 14.45 -10.13
C ALA A 237 -2.36 15.73 -9.41
N SER A 238 -2.82 16.87 -9.91
CA SER A 238 -2.67 18.13 -9.22
C SER A 238 -4.03 18.79 -9.25
N ALA A 239 -4.21 19.85 -8.47
CA ALA A 239 -5.46 20.59 -8.46
C ALA A 239 -5.56 21.41 -9.74
N SER A 240 -6.07 20.78 -10.79
CA SER A 240 -6.24 21.40 -12.11
C SER A 240 -7.70 21.50 -12.54
N GLY A 241 -8.64 21.06 -11.70
CA GLY A 241 -10.05 21.13 -12.02
C GLY A 241 -10.56 20.24 -13.15
N ASN A 242 -9.78 19.23 -13.53
CA ASN A 242 -10.20 18.34 -14.61
C ASN A 242 -11.43 17.54 -14.20
N ASN A 243 -12.44 17.56 -15.07
CA ASN A 243 -13.67 16.81 -14.88
C ASN A 243 -14.45 17.19 -13.62
N ALA A 244 -14.28 18.43 -13.19
CA ALA A 244 -15.03 18.91 -12.03
C ALA A 244 -16.48 19.08 -12.45
N PRO A 245 -17.42 18.90 -11.51
CA PRO A 245 -18.81 19.24 -11.81
C PRO A 245 -18.91 20.60 -12.46
N GLY A 246 -19.78 20.74 -13.45
CA GLY A 246 -19.93 22.00 -14.17
C GLY A 246 -19.05 22.12 -15.39
N THR A 247 -18.15 21.16 -15.61
CA THR A 247 -17.32 21.15 -16.82
C THR A 247 -18.02 20.45 -18.00
N GLY A 248 -19.29 20.10 -17.81
CA GLY A 248 -20.08 19.48 -18.86
C GLY A 248 -19.74 18.02 -19.06
N LYS A 249 -19.61 17.63 -20.33
CA LYS A 249 -19.42 16.24 -20.70
C LYS A 249 -18.15 15.66 -20.05
N GLY A 250 -18.30 14.48 -19.45
CA GLY A 250 -17.20 13.80 -18.80
C GLY A 250 -16.94 14.21 -17.36
N ALA A 251 -17.79 15.08 -16.83
CA ALA A 251 -17.66 15.51 -15.45
C ALA A 251 -18.02 14.38 -14.49
N VAL A 252 -17.26 14.24 -13.41
CA VAL A 252 -17.60 13.30 -12.34
C VAL A 252 -18.54 13.98 -11.36
N ASP A 253 -19.05 13.23 -10.38
CA ASP A 253 -19.95 13.75 -9.36
C ASP A 253 -19.22 14.56 -8.29
N ILE A 254 -18.05 14.08 -7.89
CA ILE A 254 -17.27 14.72 -6.83
C ILE A 254 -15.84 14.90 -7.30
N TYR A 255 -15.36 16.13 -7.31
CA TYR A 255 -14.00 16.40 -7.74
C TYR A 255 -13.01 16.04 -6.64
N GLY A 256 -12.02 15.22 -6.98
CA GLY A 256 -10.94 14.92 -6.08
C GLY A 256 -9.61 15.18 -6.73
N HIS A 257 -8.56 15.34 -5.91
CA HIS A 257 -7.20 15.42 -6.42
C HIS A 257 -6.20 14.81 -5.45
N ASP A 258 -4.94 14.72 -5.89
CA ASP A 258 -3.89 14.07 -5.13
C ASP A 258 -2.84 15.07 -4.71
N SER A 259 -1.94 14.62 -3.84
CA SER A 259 -0.93 15.48 -3.24
C SER A 259 0.14 14.64 -2.57
N TYR A 260 1.38 14.84 -2.98
CA TYR A 260 2.54 14.19 -2.38
C TYR A 260 3.55 15.28 -2.07
N PRO A 261 3.23 16.14 -1.10
CA PRO A 261 3.97 17.39 -0.91
C PRO A 261 5.37 17.21 -0.38
N LEU A 262 5.63 16.12 0.33
CA LEU A 262 6.94 15.92 0.90
C LEU A 262 7.87 15.23 -0.09
N GLY A 263 7.33 14.71 -1.17
CA GLY A 263 8.15 14.17 -2.24
C GLY A 263 8.69 12.79 -1.91
N PHE A 264 9.74 12.42 -2.61
CA PHE A 264 10.22 11.04 -2.57
C PHE A 264 11.73 10.92 -2.34
N ASP A 265 12.34 11.93 -1.72
CA ASP A 265 13.78 11.88 -1.43
C ASP A 265 13.97 11.21 -0.08
N CYS A 266 13.83 9.89 -0.09
CA CYS A 266 13.98 9.08 1.11
C CYS A 266 15.42 9.03 1.61
N ALA A 267 16.38 9.50 0.80
CA ALA A 267 17.79 9.53 1.21
C ALA A 267 18.05 10.58 2.30
N ASN A 268 17.29 11.67 2.28
CA ASN A 268 17.41 12.74 3.29
C ASN A 268 16.13 12.89 4.11
N PRO A 269 15.82 11.89 4.96
CA PRO A 269 14.53 11.80 5.63
C PRO A 269 14.17 12.95 6.60
N THR A 270 15.15 13.72 7.04
CA THR A 270 14.91 14.84 7.95
C THR A 270 14.72 16.16 7.22
N VAL A 271 14.89 16.17 5.90
CA VAL A 271 14.83 17.42 5.15
C VAL A 271 13.41 17.69 4.70
N TRP A 272 12.87 18.81 5.16
CA TRP A 272 11.55 19.28 4.80
C TRP A 272 11.73 20.60 4.07
N PRO A 273 11.87 20.55 2.73
CA PRO A 273 12.23 21.75 1.98
C PRO A 273 11.26 22.89 2.21
N SER A 274 11.80 24.10 2.14
CA SER A 274 11.02 25.33 2.25
C SER A 274 9.85 25.35 1.28
N GLY A 275 8.68 25.79 1.73
CA GLY A 275 7.52 25.95 0.86
C GLY A 275 6.81 24.69 0.39
N ASP A 276 7.14 23.53 0.95
CA ASP A 276 6.53 22.29 0.46
C ASP A 276 5.21 21.93 1.17
N LEU A 277 4.89 22.64 2.26
CA LEU A 277 3.60 22.46 2.91
C LEU A 277 2.51 23.22 2.15
N PRO A 278 1.48 22.51 1.67
CA PRO A 278 0.40 23.21 0.96
C PRO A 278 -0.31 24.24 1.85
N THR A 279 -0.58 25.41 1.30
CA THR A 279 -1.33 26.42 2.01
C THR A 279 -2.58 26.94 1.27
N ASN A 280 -2.75 26.57 0.01
CA ASN A 280 -3.79 27.18 -0.84
C ASN A 280 -4.91 26.22 -1.23
N PHE A 281 -4.96 25.06 -0.59
CA PHE A 281 -5.85 23.98 -1.02
C PHE A 281 -7.33 24.33 -0.92
N ARG A 282 -7.73 25.01 0.15
CA ARG A 282 -9.13 25.43 0.26
C ARG A 282 -9.46 26.51 -0.77
N THR A 283 -8.57 27.49 -0.94
CA THR A 283 -8.73 28.48 -2.01
C THR A 283 -8.97 27.79 -3.36
N LEU A 284 -8.10 26.85 -3.72
CA LEU A 284 -8.24 26.12 -5.00
C LEU A 284 -9.57 25.38 -5.06
N HIS A 285 -9.93 24.75 -3.96
CA HIS A 285 -11.18 24.01 -3.91
C HIS A 285 -12.40 24.88 -4.21
N LEU A 286 -12.43 26.09 -3.65
CA LEU A 286 -13.56 27.01 -3.88
C LEU A 286 -13.62 27.55 -5.31
N GLU A 287 -12.48 27.59 -6.00
CA GLU A 287 -12.47 27.91 -7.44
C GLU A 287 -12.91 26.74 -8.31
N GLN A 288 -12.45 25.54 -7.96
CA GLN A 288 -12.52 24.40 -8.88
C GLN A 288 -13.75 23.51 -8.70
N SER A 289 -14.25 23.37 -7.48
CA SER A 289 -15.45 22.57 -7.25
C SER A 289 -16.13 22.90 -5.93
N PRO A 290 -16.68 24.12 -5.82
CA PRO A 290 -17.29 24.56 -4.55
C PRO A 290 -18.53 23.78 -4.09
N THR A 291 -19.24 23.08 -4.98
CA THR A 291 -20.48 22.40 -4.58
C THR A 291 -20.27 20.99 -4.04
N THR A 292 -19.03 20.51 -4.01
CA THR A 292 -18.73 19.15 -3.58
C THR A 292 -17.76 19.17 -2.40
N PRO A 293 -17.78 18.13 -1.54
CA PRO A 293 -16.89 18.09 -0.38
C PRO A 293 -15.42 18.04 -0.78
N TYR A 294 -14.56 18.69 -0.02
CA TYR A 294 -13.17 18.72 -0.37
C TYR A 294 -12.55 17.32 -0.19
N ALA A 295 -11.98 16.80 -1.27
CA ALA A 295 -11.49 15.43 -1.30
C ALA A 295 -10.08 15.38 -1.82
N ILE A 296 -9.20 14.76 -1.04
CA ILE A 296 -7.91 14.33 -1.54
C ILE A 296 -7.95 12.81 -1.60
N VAL A 297 -7.90 12.28 -2.81
CA VAL A 297 -8.13 10.88 -3.07
C VAL A 297 -6.84 10.09 -2.93
N GLN A 298 -5.70 10.73 -3.16
CA GLN A 298 -4.42 10.14 -2.80
C GLN A 298 -3.57 11.19 -2.08
N PHE A 299 -3.53 11.10 -0.76
CA PHE A 299 -2.61 11.91 0.01
C PHE A 299 -1.48 11.03 0.49
N GLN A 300 -0.28 11.56 0.37
CA GLN A 300 0.94 10.85 0.69
C GLN A 300 0.90 10.18 2.07
N GLY A 301 1.08 8.86 2.07
CA GLY A 301 1.18 8.07 3.27
C GLY A 301 2.48 7.28 3.29
N GLY A 302 3.39 7.61 2.38
CA GLY A 302 4.65 6.90 2.24
C GLY A 302 5.36 7.32 0.97
N SER A 303 6.22 6.44 0.45
CA SER A 303 6.95 6.72 -0.78
C SER A 303 7.33 5.43 -1.49
N TYR A 304 7.38 5.48 -2.82
CA TYR A 304 7.99 4.39 -3.59
C TYR A 304 9.50 4.45 -3.41
N ASP A 305 10.16 3.39 -3.81
CA ASP A 305 11.61 3.32 -3.75
C ASP A 305 12.10 2.48 -4.94
N PRO A 306 13.01 3.05 -5.76
CA PRO A 306 13.44 2.34 -6.96
C PRO A 306 14.51 1.30 -6.69
N TRP A 307 14.84 0.49 -7.71
CA TRP A 307 16.05 -0.33 -7.66
C TRP A 307 17.21 0.58 -7.36
N GLY A 308 18.07 0.16 -6.44
CA GLY A 308 19.25 0.94 -6.07
C GLY A 308 18.98 2.05 -5.08
N GLY A 309 17.74 2.17 -4.61
CA GLY A 309 17.35 3.22 -3.70
C GLY A 309 17.82 3.00 -2.27
N PRO A 310 17.57 3.97 -1.38
CA PRO A 310 17.95 3.93 0.03
C PRO A 310 17.18 2.96 0.91
N GLY A 311 16.06 2.43 0.41
CA GLY A 311 15.25 1.46 1.14
C GLY A 311 14.00 2.04 1.78
N PHE A 312 13.02 1.19 2.06
CA PHE A 312 11.73 1.65 2.56
C PHE A 312 11.78 2.05 4.04
N ALA A 313 12.76 1.54 4.78
CA ALA A 313 13.03 2.02 6.13
C ALA A 313 13.27 3.53 6.14
N ALA A 314 14.12 4.01 5.22
CA ALA A 314 14.35 5.44 5.07
C ALA A 314 13.06 6.20 4.69
N CYS A 315 12.28 5.63 3.77
CA CYS A 315 10.98 6.21 3.42
C CYS A 315 10.03 6.32 4.59
N SER A 316 10.07 5.32 5.49
CA SER A 316 9.26 5.39 6.70
C SER A 316 9.72 6.50 7.65
N GLU A 317 11.00 6.88 7.62
CA GLU A 317 11.49 8.00 8.45
C GLU A 317 11.07 9.35 7.89
N LEU A 318 11.08 9.48 6.57
CA LEU A 318 10.63 10.69 5.91
C LEU A 318 9.15 10.93 6.15
N LEU A 319 8.34 9.89 5.96
CA LEU A 319 6.90 9.98 6.18
C LEU A 319 6.53 9.41 7.56
N ASN A 320 7.26 9.85 8.58
CA ASN A 320 7.08 9.33 9.93
C ASN A 320 5.96 10.06 10.68
N ASN A 321 5.87 9.84 11.98
CA ASN A 321 4.83 10.45 12.80
C ASN A 321 4.80 11.98 12.80
N GLU A 322 5.95 12.60 12.52
CA GLU A 322 6.05 14.05 12.48
C GLU A 322 5.41 14.59 11.20
N PHE A 323 5.73 13.97 10.08
CA PHE A 323 5.07 14.25 8.83
C PHE A 323 3.56 14.16 9.01
N GLU A 324 3.09 13.09 9.64
CA GLU A 324 1.66 12.88 9.81
C GLU A 324 1.01 14.00 10.63
N ARG A 325 1.56 14.26 11.81
CA ARG A 325 0.91 15.20 12.68
C ARG A 325 0.92 16.62 12.09
N VAL A 326 1.97 16.99 11.37
CA VAL A 326 2.01 18.30 10.70
C VAL A 326 1.18 18.33 9.41
N PHE A 327 1.44 17.39 8.49
CA PHE A 327 0.80 17.45 7.16
C PHE A 327 -0.66 17.03 7.17
N TYR A 328 -1.03 16.06 7.99
CA TYR A 328 -2.40 15.55 8.00
C TYR A 328 -3.31 16.53 8.72
N LYS A 329 -2.85 17.11 9.82
CA LYS A 329 -3.62 18.16 10.49
C LYS A 329 -3.76 19.38 9.60
N ASN A 330 -2.75 19.65 8.77
CA ASN A 330 -2.83 20.70 7.76
C ASN A 330 -3.95 20.46 6.74
N ASP A 331 -4.19 19.21 6.37
CA ASP A 331 -5.35 18.90 5.51
C ASP A 331 -6.68 19.17 6.22
N PHE A 332 -6.71 18.94 7.53
CA PHE A 332 -7.90 19.28 8.30
C PHE A 332 -8.14 20.78 8.33
N SER A 333 -7.09 21.59 8.21
CA SER A 333 -7.25 23.04 8.15
C SER A 333 -8.02 23.49 6.91
N PHE A 334 -8.05 22.69 5.85
CA PHE A 334 -8.83 22.99 4.66
C PHE A 334 -10.25 22.41 4.72
N GLN A 335 -10.62 21.84 5.85
CA GLN A 335 -11.88 21.13 6.03
C GLN A 335 -12.07 20.00 5.01
N ILE A 336 -11.05 19.15 4.94
CA ILE A 336 -11.10 17.99 4.12
C ILE A 336 -12.17 17.05 4.65
N ALA A 337 -13.00 16.55 3.74
CA ALA A 337 -14.13 15.68 4.07
C ALA A 337 -13.93 14.25 3.60
N ILE A 338 -13.10 14.07 2.57
CA ILE A 338 -12.75 12.77 2.04
C ILE A 338 -11.23 12.72 1.94
N MET A 339 -10.60 11.85 2.72
CA MET A 339 -9.12 11.81 2.79
C MET A 339 -8.64 10.37 2.72
N ASN A 340 -7.91 10.06 1.66
CA ASN A 340 -7.38 8.72 1.45
C ASN A 340 -5.87 8.73 1.42
N LEU A 341 -5.25 7.94 2.29
CA LEU A 341 -3.79 7.87 2.38
C LEU A 341 -3.26 6.77 1.50
N TYR A 342 -2.37 7.14 0.60
CA TYR A 342 -1.70 6.21 -0.30
C TYR A 342 -0.25 6.04 0.17
N MET A 343 0.18 4.89 0.69
CA MET A 343 -0.62 3.70 0.98
C MET A 343 -0.84 3.66 2.48
N ILE A 344 -1.83 2.90 2.93
CA ILE A 344 -1.94 2.53 4.34
C ILE A 344 -1.22 1.19 4.58
N PHE A 345 -1.28 0.31 3.59
CA PHE A 345 -0.54 -0.95 3.59
C PHE A 345 -0.14 -1.23 2.16
N GLY A 346 1.15 -1.40 1.93
CA GLY A 346 1.68 -1.52 0.58
C GLY A 346 1.72 -2.94 0.06
N GLY A 347 2.20 -3.87 0.87
CA GLY A 347 2.35 -5.26 0.45
C GLY A 347 3.57 -5.51 -0.43
N THR A 348 3.40 -6.41 -1.39
CA THR A 348 4.52 -6.98 -2.12
C THR A 348 4.22 -7.06 -3.60
N ASN A 349 5.21 -6.72 -4.41
CA ASN A 349 5.14 -6.90 -5.86
C ASN A 349 5.61 -8.30 -6.20
N TRP A 350 4.83 -9.28 -5.78
CA TRP A 350 5.14 -10.69 -6.02
C TRP A 350 4.86 -11.05 -7.49
N GLY A 351 5.49 -12.10 -7.98
CA GLY A 351 5.18 -12.62 -9.31
C GLY A 351 5.23 -11.59 -10.43
N ASN A 352 6.24 -10.72 -10.40
CA ASN A 352 6.50 -9.73 -11.45
C ASN A 352 5.38 -8.73 -11.72
N LEU A 353 4.51 -8.51 -10.75
CA LEU A 353 3.38 -7.61 -10.98
C LEU A 353 3.80 -6.13 -10.99
N GLY A 354 4.97 -5.82 -10.45
CA GLY A 354 5.42 -4.43 -10.34
C GLY A 354 5.97 -3.82 -11.61
N TYR A 355 6.08 -2.51 -11.61
CA TYR A 355 6.68 -1.78 -12.74
C TYR A 355 8.22 -1.85 -12.68
N PRO A 356 8.89 -1.54 -13.82
CA PRO A 356 10.33 -1.83 -13.92
C PRO A 356 11.21 -1.10 -12.93
N ASN A 357 10.76 0.05 -12.45
CA ASN A 357 11.58 0.89 -11.58
C ASN A 357 11.59 0.45 -10.14
N GLY A 358 10.57 -0.30 -9.73
CA GLY A 358 10.44 -0.76 -8.35
C GLY A 358 10.86 -2.20 -8.23
N TYR A 359 11.11 -2.64 -7.00
CA TYR A 359 11.62 -3.98 -6.76
C TYR A 359 10.54 -4.77 -6.03
N THR A 360 10.88 -5.88 -5.39
CA THR A 360 9.86 -6.79 -4.91
C THR A 360 9.01 -6.15 -3.80
N SER A 361 9.66 -5.49 -2.86
CA SER A 361 8.93 -4.85 -1.77
C SER A 361 8.10 -3.69 -2.28
N TYR A 362 6.89 -3.55 -1.72
CA TYR A 362 6.10 -2.33 -1.85
C TYR A 362 5.70 -1.88 -0.46
N ASP A 363 6.62 -2.03 0.50
CA ASP A 363 6.38 -1.63 1.88
C ASP A 363 5.86 -0.21 1.90
N TYR A 364 6.45 0.63 1.04
CA TYR A 364 6.04 2.01 0.85
C TYR A 364 6.29 2.90 2.07
N GLY A 365 6.90 2.36 3.12
CA GLY A 365 7.09 3.09 4.37
C GLY A 365 5.77 3.48 5.01
N SER A 366 4.74 2.66 4.78
CA SER A 366 3.39 3.03 5.19
C SER A 366 3.14 2.61 6.64
N ALA A 367 2.01 3.03 7.18
CA ALA A 367 1.67 2.83 8.58
C ALA A 367 1.56 1.37 8.97
N VAL A 368 1.14 0.53 8.03
CA VAL A 368 1.19 -0.91 8.22
C VAL A 368 2.27 -1.43 7.28
N THR A 369 3.25 -2.11 7.84
CA THR A 369 4.43 -2.54 7.07
C THR A 369 4.08 -3.67 6.12
N GLU A 370 5.01 -3.98 5.23
CA GLU A 370 4.85 -5.09 4.28
C GLU A 370 4.56 -6.44 4.97
N SER A 371 5.14 -6.68 6.14
CA SER A 371 4.89 -7.91 6.90
C SER A 371 3.70 -7.74 7.85
N ARG A 372 2.94 -6.67 7.65
CA ARG A 372 1.66 -6.43 8.33
C ARG A 372 1.79 -5.98 9.79
N ASN A 373 2.96 -5.59 10.23
CA ASN A 373 3.07 -5.17 11.62
C ASN A 373 2.79 -3.67 11.77
N ILE A 374 2.36 -3.30 12.97
CA ILE A 374 1.99 -1.93 13.26
C ILE A 374 2.84 -1.41 14.42
N THR A 375 4.14 -1.64 14.31
CA THR A 375 5.10 -1.17 15.31
C THR A 375 5.51 0.27 15.05
N ARG A 376 5.45 0.72 13.80
CA ARG A 376 5.93 2.07 13.47
C ARG A 376 5.13 3.12 14.23
N GLU A 377 5.83 4.09 14.79
CA GLU A 377 5.19 5.14 15.57
C GLU A 377 4.12 5.90 14.76
N LYS A 378 4.31 5.99 13.46
CA LYS A 378 3.35 6.68 12.60
C LYS A 378 1.95 6.02 12.59
N TYR A 379 1.87 4.72 12.85
CA TYR A 379 0.56 4.08 12.98
C TYR A 379 -0.18 4.63 14.20
N SER A 380 0.49 4.65 15.35
CA SER A 380 -0.10 5.13 16.59
C SER A 380 -0.46 6.63 16.52
N GLU A 381 0.38 7.43 15.88
CA GLU A 381 0.07 8.85 15.71
C GLU A 381 -1.17 9.01 14.85
N LEU A 382 -1.27 8.21 13.80
CA LEU A 382 -2.37 8.29 12.86
C LEU A 382 -3.66 7.92 13.58
N LYS A 383 -3.58 6.91 14.44
CA LYS A 383 -4.71 6.50 15.28
C LYS A 383 -5.30 7.63 16.10
N LEU A 384 -4.44 8.53 16.59
CA LEU A 384 -4.93 9.64 17.41
C LEU A 384 -5.81 10.60 16.59
N LEU A 385 -5.30 11.00 15.43
CA LEU A 385 -6.03 11.89 14.53
C LEU A 385 -7.29 11.21 13.98
N GLY A 386 -7.17 9.94 13.60
CA GLY A 386 -8.29 9.20 13.05
C GLY A 386 -9.42 9.07 14.05
N ASN A 387 -9.07 8.84 15.31
CA ASN A 387 -10.08 8.73 16.35
C ASN A 387 -10.69 10.06 16.74
N PHE A 388 -9.93 11.13 16.58
CA PHE A 388 -10.47 12.46 16.77
C PHE A 388 -11.57 12.79 15.76
N ALA A 389 -11.33 12.52 14.49
CA ALA A 389 -12.30 12.82 13.44
C ALA A 389 -13.59 12.02 13.59
N LYS A 390 -13.44 10.77 14.02
CA LYS A 390 -14.58 9.86 14.17
C LYS A 390 -15.66 10.39 15.13
N VAL A 391 -15.26 11.18 16.13
CA VAL A 391 -16.17 11.66 17.18
C VAL A 391 -16.39 13.18 17.19
N SER A 392 -16.02 13.87 16.11
CA SER A 392 -16.08 15.34 16.10
C SER A 392 -16.94 15.86 14.93
N PRO A 393 -18.26 15.60 14.97
CA PRO A 393 -19.14 16.02 13.87
C PRO A 393 -19.15 17.53 13.56
N GLY A 394 -18.85 18.39 14.54
CA GLY A 394 -18.80 19.84 14.32
C GLY A 394 -17.68 20.28 13.39
N TYR A 395 -16.66 19.43 13.24
CA TYR A 395 -15.58 19.67 12.29
C TYR A 395 -16.12 19.90 10.88
N LEU A 396 -17.17 19.15 10.50
CA LEU A 396 -17.70 19.19 9.13
C LEU A 396 -18.66 20.34 8.89
N THR A 397 -19.31 20.86 9.94
CA THR A 397 -20.27 21.95 9.79
C THR A 397 -19.64 23.34 9.98
N ALA A 398 -18.42 23.40 10.47
CA ALA A 398 -17.74 24.68 10.70
C ALA A 398 -17.42 25.43 9.40
N SER A 399 -17.09 26.72 9.52
CA SER A 399 -16.67 27.56 8.40
C SER A 399 -15.16 27.80 8.46
N PRO A 400 -14.41 27.25 7.51
CA PRO A 400 -12.96 27.46 7.52
C PRO A 400 -12.60 28.88 7.14
N GLY A 401 -11.61 29.45 7.84
CA GLY A 401 -11.07 30.75 7.49
C GLY A 401 -9.70 30.61 6.87
N ASN A 402 -9.16 31.74 6.44
CA ASN A 402 -7.78 31.83 5.95
C ASN A 402 -6.81 31.64 7.10
N LEU A 403 -5.65 31.05 6.80
CA LEU A 403 -4.57 30.97 7.79
C LEU A 403 -4.16 32.37 8.26
N THR A 404 -3.69 32.46 9.50
CA THR A 404 -3.29 33.75 10.10
C THR A 404 -1.99 33.59 10.84
N THR A 405 -1.16 34.63 10.82
CA THR A 405 0.03 34.66 11.65
C THR A 405 -0.17 35.57 12.86
N SER A 406 -1.38 36.06 13.05
CA SER A 406 -1.72 36.89 14.20
C SER A 406 -3.22 36.87 14.47
N GLY A 407 -3.60 37.25 15.69
CA GLY A 407 -5.00 37.36 16.06
C GLY A 407 -5.57 36.18 16.83
N TYR A 408 -4.97 35.00 16.67
CA TYR A 408 -5.35 33.82 17.48
C TYR A 408 -4.24 33.39 18.42
N ALA A 409 -3.01 33.38 17.92
CA ALA A 409 -1.84 33.16 18.74
C ALA A 409 -1.02 34.43 18.78
N ASP A 410 -0.30 34.63 19.88
CA ASP A 410 0.40 35.88 20.15
C ASP A 410 1.84 35.97 19.57
N THR A 411 2.17 35.12 18.60
CA THR A 411 3.47 35.21 17.91
C THR A 411 3.32 34.83 16.43
N THR A 412 3.97 35.60 15.55
CA THR A 412 3.95 35.34 14.12
C THR A 412 4.75 34.09 13.74
N ASP A 413 5.56 33.60 14.68
CA ASP A 413 6.23 32.32 14.53
C ASP A 413 5.23 31.17 14.42
N LEU A 414 3.99 31.38 14.88
CA LEU A 414 2.93 30.39 14.69
C LEU A 414 1.88 30.84 13.67
N THR A 415 1.33 29.85 12.97
CA THR A 415 0.24 30.05 12.05
C THR A 415 -0.97 29.31 12.62
N VAL A 416 -2.12 29.97 12.61
CA VAL A 416 -3.35 29.36 13.06
C VAL A 416 -4.39 29.47 11.97
N THR A 417 -4.98 28.35 11.58
CA THR A 417 -6.10 28.33 10.65
C THR A 417 -7.35 27.96 11.45
N PRO A 418 -8.35 28.85 11.46
CA PRO A 418 -9.53 28.57 12.24
C PRO A 418 -10.63 27.90 11.42
N LEU A 419 -11.41 27.06 12.08
CA LEU A 419 -12.67 26.57 11.53
C LEU A 419 -13.74 26.95 12.53
N LEU A 420 -14.55 27.93 12.19
CA LEU A 420 -15.47 28.55 13.14
C LEU A 420 -16.87 27.99 13.06
N GLY A 421 -17.42 27.62 14.22
CA GLY A 421 -18.84 27.31 14.33
C GLY A 421 -19.46 28.10 15.48
N ASN A 422 -20.75 28.38 15.37
CA ASN A 422 -21.47 29.00 16.47
C ASN A 422 -21.79 27.87 17.45
N SER A 423 -22.96 27.26 17.32
CA SER A 423 -23.41 26.25 18.27
C SER A 423 -22.62 24.95 18.16
N THR A 424 -22.08 24.65 16.98
CA THR A 424 -21.45 23.36 16.73
C THR A 424 -19.94 23.30 17.04
N GLY A 425 -19.36 24.40 17.51
CA GLY A 425 -18.00 24.39 18.01
C GLY A 425 -16.99 24.82 16.97
N SER A 426 -15.79 25.18 17.41
CA SER A 426 -14.75 25.63 16.49
C SER A 426 -13.48 24.82 16.69
N PHE A 427 -12.59 24.93 15.70
CA PHE A 427 -11.36 24.17 15.66
C PHE A 427 -10.26 25.10 15.22
N PHE A 428 -9.08 24.97 15.82
CA PHE A 428 -7.94 25.82 15.50
C PHE A 428 -6.69 24.97 15.28
N VAL A 429 -6.20 24.94 14.05
CA VAL A 429 -5.04 24.16 13.71
C VAL A 429 -3.80 25.05 13.83
N VAL A 430 -2.94 24.71 14.78
CA VAL A 430 -1.74 25.48 15.07
C VAL A 430 -0.50 24.74 14.57
N ARG A 431 0.41 25.48 13.95
CA ARG A 431 1.71 24.97 13.53
C ARG A 431 2.71 26.09 13.49
N HIS A 432 3.98 25.75 13.36
CA HIS A 432 5.00 26.75 13.05
C HIS A 432 4.76 27.39 11.70
N SER A 433 4.94 28.70 11.63
CA SER A 433 4.79 29.44 10.35
C SER A 433 5.77 28.94 9.30
N ASP A 434 7.03 28.83 9.69
CA ASP A 434 7.96 28.03 8.93
C ASP A 434 7.73 26.59 9.37
N TYR A 435 7.04 25.82 8.53
CA TYR A 435 6.59 24.47 8.92
C TYR A 435 7.71 23.45 9.19
N SER A 436 8.92 23.68 8.68
CA SER A 436 10.04 22.76 8.89
C SER A 436 10.72 22.94 10.25
N SER A 437 10.39 24.02 10.95
CA SER A 437 11.08 24.44 12.18
C SER A 437 11.05 23.39 13.27
N GLU A 438 12.20 23.18 13.89
CA GLU A 438 12.33 22.27 15.01
C GLU A 438 12.47 23.05 16.32
N GLU A 439 12.18 24.34 16.27
CA GLU A 439 12.23 25.20 17.46
C GLU A 439 11.08 24.90 18.42
N SER A 440 11.37 25.07 19.71
CA SER A 440 10.35 25.07 20.75
C SER A 440 9.82 26.50 20.92
N THR A 441 8.50 26.67 20.89
CA THR A 441 7.89 28.00 20.85
C THR A 441 6.83 28.15 21.92
N SER A 442 6.99 29.17 22.77
CA SER A 442 5.96 29.54 23.76
C SER A 442 4.89 30.43 23.14
N TYR A 443 3.64 30.21 23.52
CA TYR A 443 2.55 31.05 23.05
C TYR A 443 1.32 31.02 23.94
N LYS A 444 0.44 31.99 23.68
CA LYS A 444 -0.85 32.10 24.29
C LYS A 444 -1.87 32.25 23.17
N LEU A 445 -3.12 31.86 23.45
CA LEU A 445 -4.17 31.90 22.46
C LEU A 445 -5.22 32.91 22.86
N ARG A 446 -5.84 33.51 21.85
CA ARG A 446 -7.04 34.32 22.02
C ARG A 446 -8.10 33.65 21.13
N LEU A 447 -9.09 32.99 21.76
CA LEU A 447 -10.08 32.23 21.02
C LEU A 447 -11.49 32.67 21.34
N PRO A 448 -12.39 32.68 20.34
CA PRO A 448 -13.80 32.97 20.56
C PRO A 448 -14.54 31.74 21.04
N THR A 449 -15.50 31.94 21.94
CA THR A 449 -16.38 30.88 22.41
C THR A 449 -17.77 31.45 22.54
N SER A 450 -18.78 30.60 22.73
CA SER A 450 -20.14 31.05 22.99
C SER A 450 -20.20 31.85 24.30
N ALA A 451 -19.33 31.50 25.25
CA ALA A 451 -19.18 32.24 26.51
C ALA A 451 -18.31 33.51 26.40
N GLY A 452 -18.00 33.95 25.17
CA GLY A 452 -17.15 35.12 24.96
C GLY A 452 -15.70 34.73 24.70
N SER A 453 -14.94 35.67 24.15
CA SER A 453 -13.55 35.43 23.83
C SER A 453 -12.68 35.36 25.07
N VAL A 454 -11.61 34.57 24.98
CA VAL A 454 -10.79 34.31 26.14
C VAL A 454 -9.32 34.13 25.77
N THR A 455 -8.46 34.71 26.59
CA THR A 455 -7.02 34.60 26.45
C THR A 455 -6.56 33.41 27.30
N ILE A 456 -5.89 32.46 26.67
CA ILE A 456 -5.55 31.16 27.25
C ILE A 456 -4.03 31.00 27.28
N PRO A 457 -3.45 30.55 28.41
CA PRO A 457 -4.09 30.10 29.64
C PRO A 457 -4.51 31.25 30.55
N GLN A 458 -5.72 31.16 31.09
CA GLN A 458 -6.27 32.13 32.03
C GLN A 458 -5.59 32.04 33.41
N LEU A 459 -5.13 30.84 33.78
CA LEU A 459 -4.62 30.62 35.14
C LEU A 459 -3.11 30.79 35.27
N GLY A 460 -2.43 31.13 34.18
CA GLY A 460 -1.00 31.33 34.21
C GLY A 460 -0.24 30.32 33.37
N GLY A 461 1.02 30.63 33.11
CA GLY A 461 1.84 29.82 32.24
C GLY A 461 1.58 30.12 30.77
N THR A 462 2.13 29.26 29.92
CA THR A 462 2.01 29.43 28.49
C THR A 462 1.84 28.07 27.85
N LEU A 463 1.45 28.07 26.58
CA LEU A 463 1.40 26.84 25.81
C LEU A 463 2.70 26.68 25.07
N THR A 464 2.96 25.47 24.60
CA THR A 464 4.20 25.19 23.88
C THR A 464 3.90 24.34 22.66
N LEU A 465 4.49 24.71 21.54
CA LEU A 465 4.55 23.86 20.36
C LEU A 465 6.01 23.50 20.14
N ASN A 466 6.33 22.21 20.34
CA ASN A 466 7.70 21.71 20.27
C ASN A 466 8.03 21.16 18.89
N GLY A 467 8.76 21.95 18.11
CA GLY A 467 9.33 21.47 16.87
C GLY A 467 8.31 21.06 15.84
N ARG A 468 8.53 19.92 15.19
CA ARG A 468 7.69 19.49 14.07
C ARG A 468 6.43 18.84 14.61
N ASP A 469 5.51 19.71 15.04
CA ASP A 469 4.26 19.31 15.63
C ASP A 469 3.17 20.27 15.22
N SER A 470 1.94 19.82 15.32
CA SER A 470 0.78 20.64 15.04
C SER A 470 -0.34 20.21 15.98
N LYS A 471 -1.15 21.18 16.43
CA LYS A 471 -2.24 20.91 17.36
C LYS A 471 -3.56 21.34 16.76
N ILE A 472 -4.63 20.61 17.08
CA ILE A 472 -5.98 21.08 16.85
C ILE A 472 -6.62 21.43 18.19
N HIS A 473 -6.66 22.72 18.49
CA HIS A 473 -7.33 23.19 19.71
C HIS A 473 -8.83 23.28 19.42
N VAL A 474 -9.65 23.03 20.42
CA VAL A 474 -11.11 23.06 20.24
C VAL A 474 -11.79 24.07 21.17
N THR A 475 -12.87 24.67 20.70
CA THR A 475 -13.77 25.43 21.55
C THR A 475 -15.21 24.97 21.35
N ASP A 476 -16.02 25.08 22.40
CA ASP A 476 -17.43 24.65 22.38
C ASP A 476 -17.58 23.26 21.75
N TYR A 477 -16.80 22.34 22.26
CA TYR A 477 -16.77 20.99 21.77
C TYR A 477 -17.78 20.18 22.58
N ASN A 478 -18.74 19.58 21.87
CA ASN A 478 -19.86 18.89 22.49
C ASN A 478 -19.47 17.48 22.91
N VAL A 479 -19.48 17.23 24.22
CA VAL A 479 -19.35 15.87 24.74
C VAL A 479 -20.74 15.44 25.25
N SER A 480 -21.56 15.00 24.30
CA SER A 480 -22.92 14.52 24.58
C SER A 480 -23.73 15.39 25.55
N GLY A 481 -23.82 16.68 25.24
CA GLY A 481 -24.59 17.61 26.07
C GLY A 481 -23.77 18.47 27.01
N THR A 482 -22.56 18.03 27.33
CA THR A 482 -21.63 18.80 28.14
C THR A 482 -20.72 19.58 27.20
N ASN A 483 -20.72 20.89 27.36
CA ASN A 483 -19.94 21.75 26.49
C ASN A 483 -18.56 21.98 27.07
N ILE A 484 -17.53 21.59 26.30
CA ILE A 484 -16.15 21.92 26.64
C ILE A 484 -15.89 23.29 26.01
N ILE A 485 -15.85 24.32 26.85
CA ILE A 485 -15.70 25.69 26.37
C ILE A 485 -14.43 25.84 25.53
N TYR A 486 -13.32 25.34 26.06
CA TYR A 486 -12.09 25.13 25.27
C TYR A 486 -11.23 24.03 25.86
N SER A 487 -10.37 23.48 25.01
CA SER A 487 -9.28 22.64 25.45
C SER A 487 -8.08 22.87 24.55
N THR A 488 -6.92 23.05 25.15
CA THR A 488 -5.70 23.23 24.39
C THR A 488 -5.13 21.85 24.04
N ALA A 489 -5.29 20.89 24.95
CA ALA A 489 -4.89 19.52 24.67
C ALA A 489 -5.85 18.91 23.67
N GLU A 490 -5.32 18.02 22.84
CA GLU A 490 -6.08 17.44 21.75
C GLU A 490 -6.95 16.31 22.24
N VAL A 491 -8.09 16.19 21.58
CA VAL A 491 -9.06 15.18 21.86
C VAL A 491 -8.64 13.91 21.14
N PHE A 492 -8.63 12.81 21.87
CA PHE A 492 -8.43 11.52 21.27
C PHE A 492 -9.83 10.92 21.01
N THR A 493 -10.64 10.87 22.06
CA THR A 493 -12.00 10.36 21.94
C THR A 493 -12.87 10.81 23.10
N TRP A 494 -14.15 10.54 23.00
CA TRP A 494 -15.08 10.71 24.10
C TRP A 494 -16.26 9.79 23.87
N LYS A 495 -16.90 9.37 24.95
CA LYS A 495 -18.08 8.51 24.89
C LYS A 495 -19.02 8.83 26.03
N LYS A 496 -20.30 8.58 25.81
CA LYS A 496 -21.33 8.70 26.82
C LYS A 496 -21.68 7.29 27.23
N PHE A 497 -21.60 7.00 28.51
CA PHE A 497 -21.97 5.70 29.03
C PHE A 497 -23.16 5.89 29.98
N ALA A 498 -23.72 4.78 30.45
CA ALA A 498 -24.84 4.81 31.39
C ALA A 498 -24.48 5.54 32.68
N ASP A 499 -23.31 5.23 33.24
CA ASP A 499 -22.85 5.81 34.51
C ASP A 499 -21.98 7.08 34.37
N GLY A 500 -21.94 7.66 33.16
CA GLY A 500 -21.23 8.93 32.94
C GLY A 500 -20.60 9.07 31.56
N LYS A 501 -20.01 10.24 31.33
CA LYS A 501 -19.28 10.51 30.10
C LYS A 501 -17.79 10.45 30.37
N VAL A 502 -17.02 10.07 29.36
CA VAL A 502 -15.57 10.06 29.46
C VAL A 502 -14.96 10.83 28.29
N LEU A 503 -13.92 11.61 28.58
CA LEU A 503 -13.21 12.40 27.58
C LEU A 503 -11.72 12.12 27.73
N VAL A 504 -11.06 11.84 26.61
CA VAL A 504 -9.63 11.54 26.66
C VAL A 504 -8.83 12.61 25.94
N LEU A 505 -7.93 13.25 26.67
CA LEU A 505 -7.11 14.32 26.15
C LEU A 505 -5.65 13.94 26.24
N TYR A 506 -4.86 14.47 25.31
CA TYR A 506 -3.41 14.24 25.34
C TYR A 506 -2.65 15.47 24.89
N GLY A 507 -1.43 15.58 25.41
CA GLY A 507 -0.46 16.55 24.95
C GLY A 507 0.91 15.91 24.91
N GLY A 508 1.85 16.58 24.26
CA GLY A 508 3.25 16.14 24.25
C GLY A 508 3.96 16.48 25.55
N ALA A 509 5.05 15.76 25.82
CA ALA A 509 5.85 15.94 27.04
C ALA A 509 6.35 17.39 27.16
N GLY A 510 6.40 17.90 28.38
CA GLY A 510 6.86 19.26 28.64
C GLY A 510 5.85 20.37 28.35
N GLU A 511 4.61 20.03 28.01
CA GLU A 511 3.62 21.02 27.65
C GLU A 511 2.72 21.30 28.83
N HIS A 512 2.32 22.56 28.96
CA HIS A 512 1.26 22.93 29.89
C HIS A 512 -0.01 23.08 29.07
N HIS A 513 -1.13 22.62 29.60
CA HIS A 513 -2.41 22.78 28.93
C HIS A 513 -3.48 23.30 29.86
N GLU A 514 -4.59 23.72 29.25
CA GLU A 514 -5.73 24.21 30.00
C GLU A 514 -7.03 23.82 29.30
N LEU A 515 -8.06 23.63 30.11
CA LEU A 515 -9.40 23.43 29.57
C LEU A 515 -10.42 24.12 30.47
N ALA A 516 -11.57 24.39 29.90
CA ALA A 516 -12.67 24.97 30.63
C ALA A 516 -13.96 24.26 30.21
N ILE A 517 -14.83 24.03 31.18
CA ILE A 517 -16.07 23.31 30.97
C ILE A 517 -17.25 24.16 31.42
N SER A 518 -18.33 24.19 30.63
CA SER A 518 -19.56 24.89 31.03
C SER A 518 -20.25 24.06 32.09
N THR A 519 -20.17 24.50 33.33
CA THR A 519 -20.70 23.74 34.45
C THR A 519 -20.55 24.57 35.72
N LYS A 520 -21.36 24.25 36.72
CA LYS A 520 -21.21 24.86 38.04
C LYS A 520 -20.61 23.85 39.01
N SER A 521 -20.30 22.66 38.53
CA SER A 521 -19.63 21.67 39.34
C SER A 521 -18.15 22.03 39.43
N ASN A 522 -17.57 21.75 40.59
CA ASN A 522 -16.15 21.86 40.80
C ASN A 522 -15.43 20.69 40.13
N VAL A 523 -14.11 20.67 40.22
CA VAL A 523 -13.29 19.61 39.68
C VAL A 523 -12.63 18.83 40.82
N THR A 524 -12.53 17.52 40.64
CA THR A 524 -11.92 16.62 41.59
C THR A 524 -10.90 15.78 40.85
N VAL A 525 -9.73 15.57 41.44
CA VAL A 525 -8.75 14.65 40.90
C VAL A 525 -9.04 13.28 41.51
N ILE A 526 -9.38 12.31 40.67
CA ILE A 526 -9.78 10.97 41.15
C ILE A 526 -8.76 9.86 40.84
N GLU A 527 -7.75 10.17 40.03
CA GLU A 527 -6.59 9.31 39.90
C GLU A 527 -5.37 10.17 39.64
N GLY A 528 -4.27 9.85 40.32
CA GLY A 528 -3.02 10.59 40.18
C GLY A 528 -2.85 11.72 41.19
N SER A 529 -1.67 12.33 41.14
CA SER A 529 -1.29 13.43 42.01
C SER A 529 -2.04 14.73 41.68
N GLU A 530 -2.34 15.52 42.70
CA GLU A 530 -2.97 16.84 42.52
C GLU A 530 -1.97 17.94 42.19
N SER A 531 -0.68 17.66 42.30
CA SER A 531 0.35 18.65 42.02
C SER A 531 0.49 18.80 40.51
N GLY A 532 0.53 20.04 40.04
CA GLY A 532 0.52 20.32 38.61
C GLY A 532 -0.88 20.63 38.11
N ILE A 533 -1.91 20.13 38.81
CA ILE A 533 -3.30 20.46 38.49
C ILE A 533 -3.73 21.72 39.23
N SER A 534 -4.06 22.77 38.49
CA SER A 534 -4.59 24.01 39.07
C SER A 534 -6.03 24.19 38.58
N SER A 535 -6.84 24.88 39.36
CA SER A 535 -8.24 25.06 39.00
C SER A 535 -8.86 26.30 39.60
N LYS A 536 -9.97 26.71 39.00
CA LYS A 536 -10.73 27.85 39.48
C LYS A 536 -12.15 27.79 38.93
N GLN A 537 -13.12 28.10 39.79
CA GLN A 537 -14.51 28.21 39.38
C GLN A 537 -14.88 29.65 39.06
N THR A 538 -15.74 29.81 38.06
CA THR A 538 -16.43 31.07 37.80
C THR A 538 -17.90 30.75 37.97
N SER A 539 -18.80 31.67 37.63
CA SER A 539 -20.23 31.48 37.91
C SER A 539 -20.89 30.39 37.05
N SER A 540 -20.33 30.14 35.87
CA SER A 540 -20.88 29.12 34.97
C SER A 540 -19.80 28.29 34.27
N SER A 541 -18.61 28.21 34.85
CA SER A 541 -17.56 27.39 34.28
C SER A 541 -16.59 26.89 35.35
N VAL A 542 -15.83 25.87 34.99
CA VAL A 542 -14.64 25.49 35.76
C VAL A 542 -13.48 25.40 34.80
N VAL A 543 -12.36 26.02 35.19
CA VAL A 543 -11.14 26.03 34.42
C VAL A 543 -10.11 25.16 35.10
N VAL A 544 -9.40 24.34 34.32
CA VAL A 544 -8.43 23.41 34.87
C VAL A 544 -7.15 23.47 34.05
N GLY A 545 -6.03 23.72 34.71
CA GLY A 545 -4.72 23.73 34.06
C GLY A 545 -3.95 22.47 34.45
N TRP A 546 -3.14 21.95 33.54
CA TRP A 546 -2.33 20.78 33.86
C TRP A 546 -1.05 20.71 33.05
N ASP A 547 -0.05 20.04 33.63
CA ASP A 547 1.19 19.71 32.94
C ASP A 547 1.15 18.27 32.48
N VAL A 548 1.59 18.04 31.26
CA VAL A 548 1.65 16.69 30.71
C VAL A 548 2.62 15.89 31.56
N SER A 549 2.23 14.67 31.91
CA SER A 549 3.07 13.76 32.67
C SER A 549 2.95 12.38 32.09
N THR A 550 4.00 11.57 32.27
CA THR A 550 3.93 10.15 31.88
C THR A 550 2.92 9.38 32.75
N THR A 551 2.62 9.90 33.94
CA THR A 551 1.57 9.33 34.79
C THR A 551 0.22 9.90 34.38
N ARG A 552 -0.75 9.03 34.19
CA ARG A 552 -2.09 9.47 33.86
C ARG A 552 -2.70 10.21 35.04
N ARG A 553 -3.48 11.26 34.75
CA ARG A 553 -4.37 11.84 35.74
C ARG A 553 -5.77 11.69 35.22
N ILE A 554 -6.71 11.45 36.12
CA ILE A 554 -8.13 11.48 35.78
C ILE A 554 -8.83 12.49 36.69
N ILE A 555 -9.57 13.40 36.09
CA ILE A 555 -10.33 14.38 36.84
C ILE A 555 -11.80 14.19 36.58
N GLN A 556 -12.62 14.61 37.55
CA GLN A 556 -14.06 14.53 37.43
C GLN A 556 -14.72 15.90 37.59
N VAL A 557 -15.64 16.19 36.70
CA VAL A 557 -16.45 17.38 36.74
C VAL A 557 -17.88 16.96 36.43
N GLY A 558 -18.74 16.98 37.44
CA GLY A 558 -20.09 16.45 37.32
C GLY A 558 -20.01 14.99 36.92
N ASP A 559 -20.74 14.63 35.87
CA ASP A 559 -20.75 13.25 35.38
C ASP A 559 -19.71 13.00 34.27
N LEU A 560 -18.87 14.00 34.00
CA LEU A 560 -17.79 13.86 33.01
C LEU A 560 -16.46 13.50 33.69
N LYS A 561 -15.87 12.38 33.28
CA LYS A 561 -14.50 12.01 33.67
C LYS A 561 -13.53 12.35 32.53
N ILE A 562 -12.40 12.95 32.86
CA ILE A 562 -11.45 13.38 31.84
C ILE A 562 -10.11 12.74 32.12
N LEU A 563 -9.60 11.97 31.15
CA LEU A 563 -8.25 11.42 31.22
C LEU A 563 -7.31 12.44 30.63
N LEU A 564 -6.24 12.73 31.37
CA LEU A 564 -5.22 13.65 30.92
C LEU A 564 -3.95 12.86 30.70
N LEU A 565 -3.58 12.68 29.43
CA LEU A 565 -2.50 11.78 29.05
C LEU A 565 -1.36 12.48 28.34
N ASP A 566 -0.17 11.88 28.40
CA ASP A 566 0.87 12.24 27.43
C ASP A 566 0.61 11.47 26.12
N ARG A 567 1.24 11.92 25.06
CA ARG A 567 1.05 11.34 23.74
C ARG A 567 1.40 9.87 23.69
N ASN A 568 2.51 9.48 24.32
CA ASN A 568 2.97 8.08 24.28
C ASN A 568 2.08 7.11 25.04
N SER A 569 1.40 7.57 26.09
CA SER A 569 0.38 6.73 26.73
C SER A 569 -0.83 6.61 25.81
N ALA A 570 -1.22 7.74 25.22
CA ALA A 570 -2.38 7.80 24.31
C ALA A 570 -2.25 6.83 23.14
N TYR A 571 -1.02 6.62 22.68
CA TYR A 571 -0.70 5.60 21.68
C TYR A 571 -1.26 4.21 22.01
N ASN A 572 -1.35 3.88 23.29
CA ASN A 572 -1.81 2.55 23.71
C ASN A 572 -3.31 2.42 23.92
N TYR A 573 -4.08 3.46 23.58
CA TYR A 573 -5.53 3.44 23.76
C TYR A 573 -6.22 3.06 22.46
N TRP A 574 -7.40 2.43 22.60
CA TRP A 574 -8.15 1.91 21.47
C TRP A 574 -9.59 2.18 21.70
N VAL A 575 -10.34 2.33 20.62
CA VAL A 575 -11.76 2.65 20.71
C VAL A 575 -12.54 1.74 19.78
N PRO A 576 -12.60 0.45 20.12
CA PRO A 576 -13.37 -0.47 19.29
C PRO A 576 -14.86 -0.23 19.44
N GLN A 577 -15.61 -0.42 18.35
CA GLN A 577 -17.05 -0.42 18.43
C GLN A 577 -17.50 -1.65 19.24
N LEU A 578 -18.53 -1.45 20.07
CA LEU A 578 -19.07 -2.51 20.90
C LEU A 578 -20.36 -3.03 20.27
N ALA A 579 -20.25 -4.22 19.70
CA ALA A 579 -21.38 -4.93 19.13
C ALA A 579 -22.23 -5.56 20.25
N THR A 580 -23.54 -5.42 20.12
CA THR A 580 -24.50 -6.04 21.05
C THR A 580 -25.47 -6.98 20.34
N ASP A 581 -25.30 -7.17 19.03
CA ASP A 581 -26.18 -8.03 18.22
C ASP A 581 -25.37 -8.99 17.35
N GLY A 582 -24.20 -9.38 17.82
CA GLY A 582 -23.29 -10.17 17.03
C GLY A 582 -21.89 -9.79 17.43
N THR A 583 -20.93 -10.33 16.71
CA THR A 583 -19.52 -10.13 17.03
C THR A 583 -18.86 -9.07 16.15
N SER A 584 -19.53 -8.66 15.08
CA SER A 584 -18.93 -7.74 14.11
C SER A 584 -19.23 -6.29 14.48
N PRO A 585 -18.22 -5.43 14.35
CA PRO A 585 -18.37 -4.02 14.72
C PRO A 585 -19.41 -3.25 13.93
N GLY A 586 -19.66 -3.66 12.69
CA GLY A 586 -20.49 -2.90 11.79
C GLY A 586 -19.76 -1.68 11.25
N PHE A 587 -20.39 -1.01 10.30
CA PHE A 587 -19.82 0.20 9.74
C PHE A 587 -19.83 1.32 10.79
N SER A 588 -19.14 2.41 10.48
CA SER A 588 -19.00 3.53 11.39
C SER A 588 -20.22 4.45 11.26
N THR A 589 -21.39 3.93 11.57
CA THR A 589 -22.63 4.72 11.61
C THR A 589 -22.63 5.49 12.94
N PRO A 590 -23.40 6.59 13.01
CA PRO A 590 -23.39 7.37 14.26
C PRO A 590 -23.78 6.57 15.51
N GLU A 591 -24.77 5.69 15.40
CA GLU A 591 -25.20 4.90 16.55
C GLU A 591 -24.14 3.88 16.99
N LYS A 592 -23.46 3.25 16.04
CA LYS A 592 -22.41 2.28 16.38
C LYS A 592 -21.13 2.94 16.85
N VAL A 593 -20.86 4.15 16.33
CA VAL A 593 -19.76 4.96 16.84
C VAL A 593 -20.00 5.33 18.32
N ALA A 594 -21.22 5.81 18.62
CA ALA A 594 -21.62 6.18 19.98
C ALA A 594 -21.55 5.01 20.94
N SER A 595 -21.85 3.82 20.44
CA SER A 595 -21.77 2.60 21.24
C SER A 595 -20.40 1.94 21.04
N SER A 596 -19.38 2.58 21.59
CA SER A 596 -18.03 2.07 21.55
C SER A 596 -17.47 2.14 22.95
N ILE A 597 -16.44 1.34 23.22
CA ILE A 597 -15.77 1.39 24.52
C ILE A 597 -14.35 1.86 24.34
N ILE A 598 -13.71 2.22 25.45
CA ILE A 598 -12.34 2.71 25.43
C ILE A 598 -11.45 1.70 26.14
N VAL A 599 -10.43 1.24 25.44
CA VAL A 599 -9.57 0.18 25.92
C VAL A 599 -8.13 0.63 25.86
N LYS A 600 -7.47 0.64 27.01
CA LYS A 600 -6.02 0.75 27.07
C LYS A 600 -5.48 -0.67 26.97
N ALA A 601 -4.55 -0.88 26.05
CA ALA A 601 -3.95 -2.18 25.90
C ALA A 601 -2.54 -2.00 25.33
N GLY A 602 -2.18 -2.79 24.33
CA GLY A 602 -0.83 -2.73 23.78
C GLY A 602 -0.87 -2.70 22.26
N TYR A 603 -0.35 -3.76 21.66
CA TYR A 603 -0.10 -3.82 20.23
C TYR A 603 -1.33 -3.52 19.37
N LEU A 604 -2.45 -4.12 19.72
CA LEU A 604 -3.66 -3.99 18.93
C LEU A 604 -4.89 -4.41 19.71
N VAL A 605 -5.98 -3.66 19.55
CA VAL A 605 -7.31 -4.11 19.90
C VAL A 605 -8.15 -4.10 18.61
N ARG A 606 -8.70 -5.26 18.28
CA ARG A 606 -9.41 -5.45 17.02
C ARG A 606 -10.90 -5.17 17.18
N THR A 607 -11.53 -5.93 18.08
CA THR A 607 -12.97 -5.86 18.24
C THR A 607 -13.38 -5.94 19.70
N ALA A 608 -14.65 -5.66 19.92
CA ALA A 608 -15.27 -5.80 21.21
C ALA A 608 -16.74 -6.12 20.98
N TYR A 609 -17.27 -7.04 21.77
CA TYR A 609 -18.69 -7.30 21.74
C TYR A 609 -19.18 -7.77 23.09
N LEU A 610 -20.45 -7.49 23.34
CA LEU A 610 -21.11 -7.79 24.59
C LEU A 610 -22.07 -8.93 24.34
N LYS A 611 -21.93 -10.00 25.13
CA LYS A 611 -22.75 -11.19 24.98
C LYS A 611 -23.13 -11.71 26.35
N GLY A 612 -24.42 -11.60 26.68
CA GLY A 612 -24.89 -11.94 28.02
C GLY A 612 -24.17 -11.10 29.06
N SER A 613 -23.62 -11.77 30.06
CA SER A 613 -22.88 -11.11 31.13
C SER A 613 -21.39 -10.98 30.81
N GLY A 614 -21.00 -11.31 29.58
CA GLY A 614 -19.59 -11.27 29.20
C GLY A 614 -19.23 -10.12 28.27
N LEU A 615 -18.15 -9.42 28.60
CA LEU A 615 -17.55 -8.47 27.68
C LEU A 615 -16.37 -9.15 26.98
N TYR A 616 -16.47 -9.28 25.66
CA TYR A 616 -15.47 -9.94 24.84
C TYR A 616 -14.60 -8.91 24.10
N LEU A 617 -13.29 -9.04 24.24
CA LEU A 617 -12.34 -8.28 23.42
C LEU A 617 -11.59 -9.24 22.51
N THR A 618 -11.26 -8.78 21.30
CA THR A 618 -10.26 -9.46 20.48
C THR A 618 -9.08 -8.52 20.27
N ALA A 619 -7.88 -9.04 20.50
CA ALA A 619 -6.68 -8.21 20.59
C ALA A 619 -5.43 -9.01 20.25
N ASP A 620 -4.37 -8.30 19.92
CA ASP A 620 -3.08 -8.91 19.64
C ASP A 620 -2.08 -8.33 20.62
N PHE A 621 -1.05 -9.11 20.96
CA PHE A 621 -0.09 -8.74 21.98
C PHE A 621 1.32 -9.12 21.55
N ASN A 622 2.27 -8.20 21.72
CA ASN A 622 3.67 -8.46 21.42
C ASN A 622 4.55 -8.24 22.65
N ALA A 623 3.89 -8.12 23.80
CA ALA A 623 4.57 -7.93 25.08
C ALA A 623 3.54 -8.13 26.18
N THR A 624 4.00 -8.23 27.42
CA THR A 624 3.10 -8.34 28.55
C THR A 624 2.35 -7.02 28.66
N THR A 625 1.04 -7.10 28.77
CA THR A 625 0.18 -5.95 28.53
C THR A 625 -0.87 -5.83 29.62
N SER A 626 -0.90 -4.66 30.27
CA SER A 626 -2.01 -4.34 31.17
C SER A 626 -3.15 -3.81 30.31
N VAL A 627 -4.32 -4.42 30.48
CA VAL A 627 -5.50 -4.05 29.75
C VAL A 627 -6.45 -3.34 30.69
N GLU A 628 -6.98 -2.20 30.26
CA GLU A 628 -8.00 -1.51 31.04
C GLU A 628 -9.16 -1.17 30.14
N VAL A 629 -10.37 -1.36 30.64
CA VAL A 629 -11.56 -1.02 29.90
C VAL A 629 -12.30 0.08 30.64
N ILE A 630 -12.53 1.19 29.95
CA ILE A 630 -13.34 2.26 30.48
C ILE A 630 -14.68 2.22 29.75
N GLY A 631 -15.75 2.29 30.53
CA GLY A 631 -17.09 2.22 29.97
C GLY A 631 -17.61 0.81 29.86
N VAL A 632 -17.36 0.00 30.88
CA VAL A 632 -17.89 -1.36 30.88
C VAL A 632 -19.41 -1.27 31.06
N PRO A 633 -20.18 -1.93 30.17
CA PRO A 633 -21.63 -1.90 30.31
C PRO A 633 -22.07 -2.48 31.65
N SER A 634 -23.20 -1.98 32.14
CA SER A 634 -23.68 -2.29 33.49
C SER A 634 -23.86 -3.80 33.71
N THR A 635 -24.31 -4.48 32.66
CA THR A 635 -24.63 -5.90 32.70
C THR A 635 -23.42 -6.85 32.63
N ALA A 636 -22.22 -6.33 32.36
CA ALA A 636 -21.06 -7.17 32.17
C ALA A 636 -20.45 -7.60 33.49
N LYS A 637 -20.27 -8.90 33.67
CA LYS A 637 -19.70 -9.47 34.89
C LYS A 637 -18.40 -10.24 34.66
N ASN A 638 -18.13 -10.65 33.44
CA ASN A 638 -16.91 -11.39 33.11
C ASN A 638 -16.21 -10.77 31.91
N LEU A 639 -14.89 -10.83 31.90
CA LEU A 639 -14.08 -10.36 30.77
C LEU A 639 -13.48 -11.53 30.01
N PHE A 640 -13.64 -11.52 28.68
CA PHE A 640 -13.00 -12.51 27.83
C PHE A 640 -12.07 -11.80 26.86
N ILE A 641 -10.84 -12.30 26.73
CA ILE A 641 -9.87 -11.79 25.78
C ILE A 641 -9.52 -12.92 24.81
N ASN A 642 -9.84 -12.73 23.53
CA ASN A 642 -9.66 -13.75 22.52
C ASN A 642 -10.33 -15.08 22.92
N GLY A 643 -11.55 -14.99 23.46
CA GLY A 643 -12.31 -16.19 23.83
C GLY A 643 -11.99 -16.81 25.20
N ASP A 644 -10.89 -16.41 25.84
CA ASP A 644 -10.48 -16.95 27.15
C ASP A 644 -10.91 -16.04 28.30
N LYS A 645 -11.61 -16.61 29.27
CA LYS A 645 -12.01 -15.87 30.46
C LYS A 645 -10.78 -15.39 31.20
N THR A 646 -10.77 -14.11 31.54
CA THR A 646 -9.59 -13.46 32.06
C THR A 646 -9.95 -12.73 33.34
N SER A 647 -9.26 -13.06 34.43
CA SER A 647 -9.47 -12.39 35.70
C SER A 647 -9.36 -10.89 35.54
N HIS A 648 -10.21 -10.17 36.24
CA HIS A 648 -10.14 -8.73 36.24
C HIS A 648 -10.43 -8.18 37.63
N THR A 649 -9.91 -6.99 37.90
CA THR A 649 -10.28 -6.24 39.10
C THR A 649 -10.99 -4.96 38.69
N VAL A 650 -11.75 -4.40 39.61
CA VAL A 650 -12.46 -3.14 39.39
C VAL A 650 -11.90 -2.14 40.39
N ASP A 651 -11.33 -1.05 39.90
CA ASP A 651 -10.82 -0.01 40.78
C ASP A 651 -11.97 0.91 41.25
N LYS A 652 -11.64 1.87 42.12
CA LYS A 652 -12.65 2.72 42.77
C LYS A 652 -13.37 3.67 41.80
N ASN A 653 -12.83 3.85 40.60
CA ASN A 653 -13.47 4.68 39.58
C ASN A 653 -14.23 3.88 38.54
N GLY A 654 -14.32 2.56 38.75
CA GLY A 654 -15.09 1.70 37.86
C GLY A 654 -14.35 1.23 36.62
N ILE A 655 -13.03 1.28 36.65
CA ILE A 655 -12.23 0.83 35.53
C ILE A 655 -11.85 -0.64 35.73
N TRP A 656 -12.16 -1.48 34.74
CA TRP A 656 -11.74 -2.88 34.72
C TRP A 656 -10.27 -2.99 34.37
N SER A 657 -9.52 -3.79 35.14
CA SER A 657 -8.10 -4.04 34.86
C SER A 657 -7.81 -5.53 34.73
N ALA A 658 -6.89 -5.86 33.83
CA ALA A 658 -6.46 -7.22 33.60
C ALA A 658 -5.05 -7.21 33.03
N THR A 659 -4.36 -8.34 33.15
CA THR A 659 -3.03 -8.50 32.61
C THR A 659 -3.06 -9.65 31.61
N VAL A 660 -2.38 -9.47 30.49
CA VAL A 660 -2.21 -10.53 29.51
C VAL A 660 -0.71 -10.75 29.39
N ASP A 661 -0.29 -11.95 29.77
CA ASP A 661 1.11 -12.31 29.75
C ASP A 661 1.53 -12.70 28.34
N TYR A 662 2.73 -12.28 27.98
CA TYR A 662 3.32 -12.58 26.70
C TYR A 662 4.49 -13.48 26.96
N ASN A 663 4.43 -14.69 26.40
CA ASN A 663 5.52 -15.65 26.50
C ASN A 663 5.67 -16.24 25.12
N ALA A 664 6.67 -15.76 24.39
CA ALA A 664 6.89 -16.16 23.01
C ALA A 664 7.22 -17.65 22.97
N PRO A 665 6.65 -18.37 22.00
CA PRO A 665 6.94 -19.78 21.87
C PRO A 665 8.29 -20.00 21.18
N ASP A 666 8.80 -21.22 21.27
CA ASP A 666 10.00 -21.59 20.52
C ASP A 666 9.63 -21.60 19.06
N ILE A 667 10.31 -20.78 18.27
CA ILE A 667 10.15 -20.79 16.82
C ILE A 667 11.33 -21.57 16.29
N SER A 668 11.03 -22.68 15.62
CA SER A 668 12.02 -23.56 15.05
C SER A 668 12.00 -23.37 13.54
N LEU A 669 13.03 -22.73 13.00
CA LEU A 669 13.13 -22.51 11.56
C LEU A 669 14.26 -23.34 10.99
N PRO A 670 14.01 -24.05 9.88
CA PRO A 670 15.09 -24.84 9.31
C PRO A 670 16.21 -23.98 8.73
N SER A 671 17.43 -24.50 8.72
CA SER A 671 18.56 -23.85 8.09
C SER A 671 18.55 -24.16 6.59
N LEU A 672 18.29 -23.15 5.77
CA LEU A 672 18.09 -23.38 4.33
C LEU A 672 19.32 -23.97 3.66
N LYS A 673 20.51 -23.62 4.15
CA LYS A 673 21.73 -24.20 3.59
C LYS A 673 21.85 -25.73 3.77
N ASP A 674 21.23 -26.27 4.83
CA ASP A 674 21.33 -27.70 5.12
C ASP A 674 20.26 -28.55 4.45
N LEU A 675 19.40 -27.94 3.65
CA LEU A 675 18.35 -28.72 2.97
C LEU A 675 18.95 -29.56 1.86
N ASP A 676 18.16 -30.52 1.39
CA ASP A 676 18.59 -31.40 0.31
C ASP A 676 18.35 -30.69 -1.04
N TRP A 677 19.25 -29.78 -1.38
CA TRP A 677 19.13 -28.98 -2.60
C TRP A 677 19.40 -29.77 -3.86
N LYS A 678 18.42 -29.78 -4.76
CA LYS A 678 18.54 -30.45 -6.05
C LYS A 678 18.74 -29.42 -7.16
N TYR A 679 19.66 -29.71 -8.07
CA TYR A 679 20.04 -28.76 -9.12
C TYR A 679 19.70 -29.27 -10.51
N VAL A 680 19.21 -28.37 -11.36
CA VAL A 680 19.19 -28.61 -12.80
C VAL A 680 19.64 -27.35 -13.54
N ASP A 681 20.36 -27.56 -14.64
CA ASP A 681 20.77 -26.46 -15.51
C ASP A 681 19.54 -25.90 -16.19
N THR A 682 19.25 -24.62 -15.98
CA THR A 682 18.12 -24.01 -16.65
C THR A 682 18.52 -23.05 -17.76
N LEU A 683 19.70 -23.26 -18.33
CA LEU A 683 20.05 -22.67 -19.60
C LEU A 683 20.61 -23.75 -20.54
N PRO A 684 19.81 -24.79 -20.82
CA PRO A 684 20.27 -25.84 -21.74
C PRO A 684 20.38 -25.35 -23.17
N GLU A 685 19.78 -24.20 -23.44
CA GLU A 685 19.83 -23.57 -24.75
C GLU A 685 21.27 -23.42 -25.29
N ILE A 686 22.23 -23.18 -24.39
CA ILE A 686 23.62 -22.96 -24.78
C ILE A 686 24.46 -24.24 -24.95
N GLN A 687 23.85 -25.41 -24.76
CA GLN A 687 24.50 -26.68 -25.16
C GLN A 687 24.24 -26.93 -26.66
N SER A 688 25.15 -27.66 -27.31
CA SER A 688 25.12 -27.81 -28.76
C SER A 688 24.06 -28.80 -29.25
N SER A 689 23.50 -29.59 -28.35
CA SER A 689 22.41 -30.49 -28.70
C SER A 689 21.01 -29.89 -28.51
N TYR A 690 20.93 -28.64 -28.05
CA TYR A 690 19.62 -28.05 -27.83
C TYR A 690 18.88 -27.89 -29.16
N ASP A 691 17.60 -28.29 -29.13
CA ASP A 691 16.72 -28.25 -30.29
C ASP A 691 15.61 -27.26 -30.00
N ASP A 692 15.57 -26.17 -30.77
CA ASP A 692 14.58 -25.13 -30.56
C ASP A 692 13.48 -25.13 -31.63
N SER A 693 13.29 -26.26 -32.31
CA SER A 693 12.37 -26.33 -33.43
C SER A 693 10.92 -26.00 -33.08
N LEU A 694 10.53 -26.23 -31.82
CA LEU A 694 9.16 -25.89 -31.34
C LEU A 694 8.97 -24.46 -30.84
N TRP A 695 10.06 -23.71 -30.68
CA TRP A 695 9.96 -22.31 -30.25
C TRP A 695 9.25 -21.49 -31.30
N PRO A 696 8.47 -20.48 -30.89
CA PRO A 696 7.92 -19.50 -31.84
C PRO A 696 9.01 -18.79 -32.63
N ALA A 697 8.82 -18.69 -33.94
CA ALA A 697 9.72 -17.94 -34.79
C ALA A 697 9.44 -16.44 -34.59
N ALA A 698 10.49 -15.66 -34.42
CA ALA A 698 10.38 -14.21 -34.37
C ALA A 698 10.43 -13.69 -35.80
N ASP A 699 9.35 -13.94 -36.55
CA ASP A 699 9.34 -13.70 -38.00
C ASP A 699 8.28 -12.70 -38.49
N LEU A 700 7.73 -11.88 -37.61
CA LEU A 700 6.79 -10.83 -38.04
C LEU A 700 7.53 -9.68 -38.72
N LYS A 701 7.15 -9.40 -39.97
CA LYS A 701 7.81 -8.34 -40.74
C LYS A 701 7.29 -6.95 -40.40
N GLN A 702 6.07 -6.89 -39.88
CA GLN A 702 5.51 -5.64 -39.37
C GLN A 702 5.27 -5.84 -37.89
N THR A 703 5.56 -4.81 -37.09
CA THR A 703 5.15 -4.81 -35.71
C THR A 703 3.71 -4.31 -35.62
N LYS A 704 3.00 -4.75 -34.59
CA LYS A 704 1.71 -4.15 -34.26
C LYS A 704 1.86 -3.02 -33.21
N ASN A 705 3.10 -2.74 -32.80
CA ASN A 705 3.40 -1.65 -31.87
C ASN A 705 3.40 -0.29 -32.58
N THR A 706 2.49 0.60 -32.20
CA THR A 706 2.40 1.91 -32.84
C THR A 706 3.45 2.89 -32.37
N LEU A 707 4.15 2.60 -31.28
CA LEU A 707 5.06 3.59 -30.67
C LEU A 707 6.41 3.61 -31.37
N ARG A 708 6.94 2.44 -31.70
CA ARG A 708 8.29 2.34 -32.22
C ARG A 708 8.36 1.40 -33.39
N SER A 709 8.58 1.95 -34.58
CA SER A 709 8.67 1.13 -35.76
C SER A 709 9.97 0.34 -35.75
N LEU A 710 9.95 -0.79 -36.45
CA LEU A 710 11.06 -1.72 -36.44
C LEU A 710 12.35 -1.10 -37.02
N THR A 711 13.48 -1.48 -36.42
CA THR A 711 14.79 -1.14 -36.95
C THR A 711 15.58 -2.43 -37.15
N THR A 712 14.86 -3.54 -37.31
CA THR A 712 15.41 -4.86 -37.62
C THR A 712 14.46 -5.48 -38.66
N PRO A 713 14.92 -6.51 -39.41
CA PRO A 713 14.07 -7.05 -40.47
C PRO A 713 12.76 -7.65 -39.96
N THR A 714 12.78 -8.27 -38.78
CA THR A 714 11.59 -8.80 -38.15
C THR A 714 11.46 -8.23 -36.73
N SER A 715 10.26 -8.27 -36.18
CA SER A 715 10.05 -7.78 -34.83
C SER A 715 10.68 -8.72 -33.86
N LEU A 716 11.46 -8.15 -32.95
CA LEU A 716 11.99 -8.87 -31.80
C LEU A 716 11.42 -8.24 -30.51
N TYR A 717 10.25 -7.60 -30.64
CA TYR A 717 9.50 -7.09 -29.50
C TYR A 717 8.75 -8.26 -28.89
N SER A 718 8.99 -8.55 -27.62
CA SER A 718 8.43 -9.72 -26.96
C SER A 718 6.89 -9.73 -26.97
N SER A 719 6.29 -8.56 -26.78
CA SER A 719 4.84 -8.45 -26.68
C SER A 719 4.11 -8.67 -28.01
N ASP A 720 4.82 -8.51 -29.14
CA ASP A 720 4.27 -8.88 -30.46
C ASP A 720 3.95 -10.39 -30.56
N TYR A 721 4.58 -11.20 -29.71
CA TYR A 721 4.35 -12.64 -29.69
C TYR A 721 3.70 -13.13 -28.39
N GLY A 722 3.21 -12.20 -27.58
CA GLY A 722 2.43 -12.53 -26.41
C GLY A 722 3.25 -12.75 -25.18
N PHE A 723 4.52 -12.34 -25.20
CA PHE A 723 5.40 -12.52 -24.04
C PHE A 723 5.65 -11.19 -23.32
N HIS A 724 5.09 -11.03 -22.12
CA HIS A 724 5.06 -9.73 -21.46
C HIS A 724 5.75 -9.70 -20.10
N THR A 725 6.32 -10.82 -19.67
CA THR A 725 6.72 -10.95 -18.27
C THR A 725 7.93 -11.87 -18.08
N GLY A 726 8.71 -11.58 -17.04
CA GLY A 726 9.83 -12.44 -16.66
C GLY A 726 10.99 -12.46 -17.64
N TYR A 727 11.87 -13.45 -17.49
CA TYR A 727 13.06 -13.58 -18.33
C TYR A 727 12.66 -13.95 -19.75
N LEU A 728 13.36 -13.39 -20.72
CA LEU A 728 13.09 -13.62 -22.13
C LEU A 728 14.32 -14.23 -22.77
N LEU A 729 14.09 -15.18 -23.66
CA LEU A 729 15.18 -15.82 -24.39
C LEU A 729 14.99 -15.63 -25.89
N TYR A 730 16.07 -15.21 -26.55
CA TYR A 730 16.11 -15.06 -27.98
C TYR A 730 17.22 -15.94 -28.54
N ARG A 731 16.96 -16.61 -29.66
CA ARG A 731 17.95 -17.47 -30.28
C ARG A 731 18.09 -17.10 -31.74
N GLY A 732 19.32 -16.76 -32.12
CA GLY A 732 19.62 -16.26 -33.45
C GLY A 732 20.45 -17.24 -34.23
N HIS A 733 19.85 -17.82 -35.27
CA HIS A 733 20.50 -18.80 -36.14
C HIS A 733 21.15 -18.13 -37.35
N PHE A 734 22.36 -18.51 -37.67
CA PHE A 734 23.00 -18.06 -38.90
C PHE A 734 24.07 -19.02 -39.34
N THR A 735 24.45 -18.87 -40.60
CA THR A 735 25.57 -19.58 -41.18
C THR A 735 26.76 -18.64 -41.26
N ALA A 736 27.87 -19.06 -40.67
CA ALA A 736 29.10 -18.28 -40.69
C ALA A 736 29.81 -18.29 -42.05
N THR A 737 30.34 -17.14 -42.42
CA THR A 737 31.27 -17.03 -43.55
C THR A 737 32.68 -17.39 -43.11
N GLY A 738 32.95 -17.30 -41.82
CA GLY A 738 34.28 -17.57 -41.27
C GLY A 738 35.04 -16.30 -40.95
N ASN A 739 34.44 -15.16 -41.31
CA ASN A 739 35.07 -13.87 -41.17
C ASN A 739 34.32 -12.94 -40.22
N GLU A 740 33.40 -13.48 -39.43
CA GLU A 740 32.66 -12.67 -38.47
C GLU A 740 33.60 -12.27 -37.36
N SER A 741 33.43 -11.06 -36.83
CA SER A 741 34.33 -10.55 -35.81
C SER A 741 33.57 -10.10 -34.54
N THR A 742 32.51 -9.32 -34.74
CA THR A 742 31.73 -8.78 -33.61
C THR A 742 30.25 -9.00 -33.82
N PHE A 743 29.52 -8.98 -32.72
CA PHE A 743 28.08 -8.98 -32.71
C PHE A 743 27.61 -7.85 -31.78
N ALA A 744 26.96 -6.86 -32.35
CA ALA A 744 26.41 -5.75 -31.57
C ALA A 744 24.91 -5.94 -31.37
N ILE A 745 24.44 -5.55 -30.19
CA ILE A 745 23.04 -5.76 -29.85
C ILE A 745 22.55 -4.68 -28.88
N ASP A 746 21.37 -4.14 -29.19
CA ASP A 746 20.63 -3.26 -28.30
C ASP A 746 19.54 -4.09 -27.64
N THR A 747 19.68 -4.34 -26.34
CA THR A 747 18.64 -5.00 -25.56
C THR A 747 17.95 -4.00 -24.64
N GLN A 748 16.67 -4.25 -24.38
CA GLN A 748 15.83 -3.38 -23.56
C GLN A 748 14.94 -4.24 -22.67
N GLY A 749 15.12 -4.12 -21.36
CA GLY A 749 14.26 -4.78 -20.40
C GLY A 749 13.66 -3.86 -19.35
N GLY A 750 13.90 -2.56 -19.46
CA GLY A 750 13.45 -1.59 -18.46
C GLY A 750 14.54 -1.31 -17.44
N SER A 751 14.35 -0.27 -16.66
CA SER A 751 15.37 0.14 -15.68
C SER A 751 15.91 -1.02 -14.83
N ALA A 752 17.23 -1.08 -14.69
CA ALA A 752 17.94 -2.08 -13.88
C ALA A 752 17.94 -3.49 -14.50
N PHE A 753 17.54 -3.60 -15.76
CA PHE A 753 17.59 -4.90 -16.42
C PHE A 753 19.03 -5.31 -16.69
N GLY A 754 19.21 -6.60 -16.94
CA GLY A 754 20.48 -7.11 -17.41
C GLY A 754 20.24 -8.07 -18.57
N SER A 755 21.33 -8.39 -19.26
CA SER A 755 21.28 -9.42 -20.30
C SER A 755 22.61 -10.14 -20.44
N SER A 756 22.58 -11.29 -21.09
CA SER A 756 23.75 -12.14 -21.27
C SER A 756 23.68 -12.77 -22.65
N VAL A 757 24.83 -12.88 -23.31
CA VAL A 757 24.89 -13.39 -24.68
C VAL A 757 25.90 -14.52 -24.80
N TRP A 758 25.49 -15.56 -25.53
CA TRP A 758 26.35 -16.68 -25.86
C TRP A 758 26.31 -16.88 -27.37
N LEU A 759 27.42 -17.36 -27.91
CA LEU A 759 27.50 -17.89 -29.26
C LEU A 759 27.72 -19.39 -29.07
N ASN A 760 26.69 -20.18 -29.35
CA ASN A 760 26.64 -21.58 -28.95
C ASN A 760 26.94 -21.70 -27.46
N GLY A 761 28.06 -22.32 -27.09
CA GLY A 761 28.39 -22.53 -25.68
C GLY A 761 29.38 -21.52 -25.16
N THR A 762 29.80 -20.60 -26.02
CA THR A 762 30.82 -19.62 -25.69
C THR A 762 30.18 -18.34 -25.18
N TYR A 763 30.53 -17.99 -23.94
CA TYR A 763 30.01 -16.79 -23.31
C TYR A 763 30.65 -15.56 -23.94
N LEU A 764 29.84 -14.62 -24.43
CA LEU A 764 30.38 -13.39 -25.02
C LEU A 764 30.43 -12.23 -24.04
N GLY A 765 29.54 -12.21 -23.05
CA GLY A 765 29.53 -11.15 -22.07
C GLY A 765 28.13 -10.86 -21.59
N SER A 766 28.03 -9.93 -20.65
CA SER A 766 26.75 -9.52 -20.10
C SER A 766 26.70 -8.02 -19.94
N TRP A 767 25.49 -7.47 -20.01
CA TRP A 767 25.21 -6.17 -19.43
C TRP A 767 24.64 -6.42 -18.04
N THR A 768 25.39 -6.02 -17.03
CA THR A 768 25.09 -6.39 -15.65
C THR A 768 24.04 -5.47 -15.05
N GLY A 769 23.81 -4.33 -15.68
CA GLY A 769 22.67 -3.50 -15.37
C GLY A 769 22.94 -2.29 -14.49
N LEU A 770 22.17 -1.24 -14.73
CA LEU A 770 22.18 -0.06 -13.88
C LEU A 770 20.77 0.44 -13.85
N TYR A 771 20.36 1.01 -12.73
CA TYR A 771 19.04 1.65 -12.64
C TYR A 771 18.89 2.69 -13.76
N ALA A 772 19.97 3.40 -14.10
CA ALA A 772 19.92 4.46 -15.12
C ALA A 772 19.66 3.96 -16.55
N ASN A 773 19.90 2.68 -16.80
CA ASN A 773 19.74 2.10 -18.14
C ASN A 773 18.52 1.20 -18.24
N SER A 774 17.57 1.59 -19.09
CA SER A 774 16.47 0.73 -19.45
C SER A 774 16.77 -0.04 -20.76
N ASP A 775 17.79 0.41 -21.49
CA ASP A 775 18.34 -0.33 -22.62
C ASP A 775 19.86 -0.17 -22.63
N TYR A 776 20.53 -1.04 -23.39
CA TYR A 776 21.96 -1.03 -23.45
C TYR A 776 22.46 -1.52 -24.80
N ASN A 777 23.43 -0.78 -25.35
CA ASN A 777 24.09 -1.14 -26.58
C ASN A 777 25.43 -1.78 -26.27
N ALA A 778 25.59 -3.04 -26.66
CA ALA A 778 26.83 -3.74 -26.42
C ALA A 778 27.38 -4.24 -27.75
N THR A 779 28.71 -4.30 -27.83
CA THR A 779 29.40 -4.92 -28.94
C THR A 779 30.27 -6.03 -28.37
N TYR A 780 29.96 -7.28 -28.72
CA TYR A 780 30.69 -8.42 -28.20
C TYR A 780 31.62 -8.98 -29.25
N ASN A 781 32.82 -9.32 -28.82
CA ASN A 781 33.79 -9.98 -29.68
C ASN A 781 33.41 -11.44 -29.80
N LEU A 782 33.49 -11.97 -31.01
CA LEU A 782 33.14 -13.34 -31.31
C LEU A 782 34.40 -14.16 -31.37
N PRO A 783 34.30 -15.47 -31.06
CA PRO A 783 35.42 -16.35 -31.31
C PRO A 783 35.55 -16.67 -32.79
N GLN A 784 36.68 -17.26 -33.18
CA GLN A 784 36.88 -17.69 -34.55
C GLN A 784 35.78 -18.71 -34.92
N LEU A 785 35.04 -18.42 -35.99
CA LEU A 785 34.00 -19.31 -36.48
C LEU A 785 34.46 -20.05 -37.73
N GLN A 786 33.88 -21.22 -37.97
CA GLN A 786 34.18 -22.05 -39.14
C GLN A 786 33.22 -21.76 -40.29
N ALA A 787 33.78 -21.43 -41.46
CA ALA A 787 32.98 -21.13 -42.65
C ALA A 787 31.99 -22.25 -42.95
N GLY A 788 30.73 -21.88 -43.16
CA GLY A 788 29.70 -22.83 -43.59
C GLY A 788 28.94 -23.53 -42.49
N LYS A 789 29.48 -23.51 -41.26
CA LYS A 789 28.80 -24.12 -40.12
C LYS A 789 27.75 -23.16 -39.54
N THR A 790 26.69 -23.73 -38.96
CA THR A 790 25.63 -22.92 -38.36
C THR A 790 25.90 -22.71 -36.89
N TYR A 791 25.52 -21.53 -36.42
CA TYR A 791 25.72 -21.12 -35.05
C TYR A 791 24.46 -20.47 -34.54
N VAL A 792 24.36 -20.38 -33.22
CA VAL A 792 23.17 -19.82 -32.60
C VAL A 792 23.57 -18.87 -31.49
N ILE A 793 23.12 -17.62 -31.62
CA ILE A 793 23.30 -16.63 -30.58
C ILE A 793 22.15 -16.76 -29.59
N THR A 794 22.45 -17.04 -28.33
CA THR A 794 21.41 -17.11 -27.32
C THR A 794 21.48 -15.86 -26.47
N VAL A 795 20.36 -15.14 -26.36
CA VAL A 795 20.30 -13.91 -25.59
C VAL A 795 19.29 -14.04 -24.48
N VAL A 796 19.71 -13.81 -23.24
CA VAL A 796 18.82 -13.80 -22.09
C VAL A 796 18.64 -12.37 -21.63
N ILE A 797 17.38 -11.93 -21.50
CA ILE A 797 17.07 -10.56 -21.11
C ILE A 797 16.08 -10.55 -19.94
N ASP A 798 16.44 -9.82 -18.90
CA ASP A 798 15.57 -9.61 -17.74
C ASP A 798 14.53 -8.54 -18.07
N ASN A 799 13.26 -8.94 -18.22
CA ASN A 799 12.16 -7.97 -18.34
C ASN A 799 11.77 -7.54 -16.95
N MET A 800 11.99 -6.28 -16.62
CA MET A 800 11.72 -5.79 -15.27
C MET A 800 10.25 -5.43 -15.08
N GLY A 801 9.46 -5.57 -16.15
CA GLY A 801 8.07 -5.18 -16.15
C GLY A 801 7.81 -4.13 -17.21
N LEU A 802 6.55 -3.90 -17.53
CA LEU A 802 6.23 -2.95 -18.60
C LEU A 802 6.07 -1.56 -17.99
N GLU A 803 6.43 -0.54 -18.77
CA GLU A 803 6.32 0.84 -18.32
C GLU A 803 4.88 1.24 -18.02
N GLU A 804 4.77 2.20 -17.12
CA GLU A 804 3.53 2.91 -16.91
C GLU A 804 3.20 3.82 -18.09
N ASN A 805 1.99 4.39 -18.07
CA ASN A 805 1.48 5.26 -19.14
C ASN A 805 0.91 6.55 -18.57
N TRP A 806 1.76 7.31 -17.90
CA TRP A 806 1.33 8.44 -17.10
C TRP A 806 0.79 9.62 -17.93
N THR A 807 1.46 9.97 -19.01
CA THR A 807 0.97 11.04 -19.89
C THR A 807 0.15 10.47 -21.04
N VAL A 808 -1.04 11.01 -21.23
CA VAL A 808 -1.93 10.57 -22.29
C VAL A 808 -1.42 11.05 -23.64
N GLY A 809 -1.29 10.12 -24.59
CA GLY A 809 -0.71 10.42 -25.88
C GLY A 809 0.72 9.97 -26.04
N GLU A 810 1.48 9.88 -24.95
CA GLU A 810 2.88 9.45 -25.05
C GLU A 810 2.97 7.93 -25.28
N ASP A 811 1.97 7.17 -24.84
CA ASP A 811 1.91 5.71 -25.04
C ASP A 811 3.13 4.97 -24.50
N LEU A 812 3.73 5.44 -23.42
CA LEU A 812 4.95 4.83 -22.90
C LEU A 812 4.79 3.38 -22.46
N MET A 813 3.58 2.95 -22.11
CA MET A 813 3.36 1.55 -21.80
C MET A 813 3.68 0.65 -22.99
N LYS A 814 3.61 1.19 -24.21
CA LYS A 814 4.02 0.43 -25.40
C LYS A 814 5.54 0.27 -25.59
N THR A 815 6.35 0.88 -24.72
CA THR A 815 7.80 0.71 -24.80
C THR A 815 8.15 -0.78 -24.85
N PRO A 816 8.76 -1.23 -25.95
CA PRO A 816 8.92 -2.67 -26.11
C PRO A 816 9.99 -3.27 -25.20
N ARG A 817 9.99 -4.60 -25.15
CA ARG A 817 11.00 -5.36 -24.46
C ARG A 817 11.60 -6.35 -25.44
N GLY A 818 12.89 -6.62 -25.31
CA GLY A 818 13.56 -7.56 -26.18
C GLY A 818 14.73 -6.91 -26.88
N ILE A 819 14.83 -7.15 -28.18
CA ILE A 819 15.97 -6.69 -28.97
C ILE A 819 15.49 -5.60 -29.91
N LEU A 820 16.12 -4.43 -29.82
CA LEU A 820 15.74 -3.27 -30.63
C LEU A 820 16.56 -3.18 -31.90
N ASN A 821 17.84 -3.56 -31.79
CA ASN A 821 18.79 -3.45 -32.87
C ASN A 821 19.82 -4.55 -32.70
N PHE A 822 20.35 -5.03 -33.82
CA PHE A 822 21.51 -5.88 -33.78
C PHE A 822 22.31 -5.73 -35.06
N LEU A 823 23.59 -6.05 -34.99
CA LEU A 823 24.44 -6.01 -36.16
C LEU A 823 25.51 -7.08 -36.02
N LEU A 824 25.48 -8.05 -36.92
CA LEU A 824 26.54 -9.04 -37.03
C LEU A 824 27.52 -8.51 -38.05
N ALA A 825 28.71 -8.13 -37.61
CA ALA A 825 29.66 -7.38 -38.45
C ALA A 825 29.90 -8.05 -39.79
N GLY A 826 29.74 -7.29 -40.87
CA GLY A 826 30.01 -7.79 -42.22
C GLY A 826 28.91 -8.66 -42.81
N ARG A 827 27.78 -8.78 -42.12
CA ARG A 827 26.66 -9.60 -42.57
C ARG A 827 25.37 -8.78 -42.61
N PRO A 828 24.51 -9.02 -43.61
CA PRO A 828 23.21 -8.35 -43.54
C PRO A 828 22.43 -8.86 -42.34
N SER A 829 21.52 -8.03 -41.80
CA SER A 829 20.69 -8.42 -40.66
C SER A 829 19.86 -9.67 -40.93
N SER A 830 19.41 -9.81 -42.17
CA SER A 830 18.59 -10.95 -42.59
C SER A 830 19.32 -12.29 -42.55
N ALA A 831 20.63 -12.26 -42.31
CA ALA A 831 21.42 -13.47 -42.14
C ALA A 831 21.09 -14.24 -40.85
N ILE A 832 20.47 -13.57 -39.86
CA ILE A 832 20.09 -14.24 -38.63
C ILE A 832 18.58 -14.47 -38.61
N SER A 833 18.17 -15.72 -38.41
CA SER A 833 16.77 -16.05 -38.20
C SER A 833 16.55 -16.26 -36.72
N TRP A 834 15.63 -15.50 -36.15
CA TRP A 834 15.42 -15.47 -34.72
C TRP A 834 14.25 -16.32 -34.28
N LYS A 835 14.41 -16.94 -33.10
CA LYS A 835 13.34 -17.53 -32.35
C LYS A 835 13.34 -16.92 -30.96
N LEU A 836 12.21 -17.00 -30.27
CA LEU A 836 12.12 -16.43 -28.94
C LEU A 836 11.12 -17.15 -28.07
N THR A 837 11.28 -16.98 -26.77
CA THR A 837 10.27 -17.38 -25.84
C THR A 837 10.28 -16.51 -24.60
N GLY A 838 9.10 -16.36 -24.03
CA GLY A 838 8.90 -15.86 -22.67
C GLY A 838 8.21 -16.99 -21.94
N ASN A 839 7.32 -16.66 -21.02
CA ASN A 839 6.52 -17.67 -20.33
C ASN A 839 5.82 -18.59 -21.32
N LEU A 840 5.79 -19.89 -21.03
CA LEU A 840 5.25 -20.88 -21.95
C LEU A 840 3.78 -20.61 -22.27
N GLY A 841 3.46 -20.63 -23.57
CA GLY A 841 2.13 -20.30 -24.05
C GLY A 841 1.88 -18.80 -24.27
N GLY A 842 2.75 -17.96 -23.72
CA GLY A 842 2.54 -16.52 -23.80
C GLY A 842 1.24 -16.14 -23.12
N GLU A 843 0.29 -15.63 -23.91
CA GLU A 843 -1.00 -15.19 -23.38
C GLU A 843 -1.90 -16.37 -23.07
N ASP A 844 -1.64 -17.51 -23.70
CA ASP A 844 -2.20 -18.79 -23.29
C ASP A 844 -1.34 -19.34 -22.16
N TYR A 845 -1.24 -18.57 -21.08
CA TYR A 845 -0.34 -18.84 -19.97
C TYR A 845 -0.80 -20.09 -19.23
N GLU A 846 0.18 -20.84 -18.73
CA GLU A 846 -0.07 -22.17 -18.18
C GLU A 846 -0.77 -22.17 -16.82
N ASP A 847 -0.32 -21.29 -15.93
CA ASP A 847 -0.77 -21.31 -14.53
C ASP A 847 -1.95 -20.39 -14.30
N LYS A 848 -3.16 -20.94 -14.41
CA LYS A 848 -4.37 -20.15 -14.20
C LYS A 848 -4.53 -19.74 -12.74
N VAL A 849 -3.98 -20.53 -11.84
CA VAL A 849 -4.10 -20.23 -10.42
C VAL A 849 -3.23 -19.05 -10.03
N ARG A 850 -1.96 -19.08 -10.41
CA ARG A 850 -1.00 -18.06 -9.94
C ARG A 850 -0.96 -16.82 -10.82
N GLY A 851 -1.67 -16.82 -11.94
CA GLY A 851 -1.81 -15.63 -12.77
C GLY A 851 -0.83 -15.53 -13.93
N PRO A 852 -1.05 -14.54 -14.82
CA PRO A 852 -0.30 -14.44 -16.09
C PRO A 852 1.12 -13.93 -15.97
N LEU A 853 1.50 -13.37 -14.83
CA LEU A 853 2.79 -12.68 -14.70
C LEU A 853 3.84 -13.44 -13.89
N ASN A 854 3.41 -14.44 -13.13
CA ASN A 854 4.26 -15.12 -12.16
C ASN A 854 5.55 -15.75 -12.68
N GLU A 855 5.49 -16.38 -13.85
CA GLU A 855 6.63 -17.13 -14.38
C GLU A 855 7.11 -16.50 -15.70
N GLY A 856 8.41 -16.58 -15.95
CA GLY A 856 9.02 -16.14 -17.20
C GLY A 856 9.40 -17.31 -18.09
N GLY A 857 10.37 -17.09 -18.97
CA GLY A 857 10.73 -18.06 -20.01
C GLY A 857 11.91 -18.99 -19.80
N LEU A 858 12.47 -19.07 -18.59
CA LEU A 858 13.53 -20.06 -18.31
C LEU A 858 13.00 -21.47 -18.45
N TYR A 859 13.83 -22.35 -19.03
CA TYR A 859 13.50 -23.77 -19.18
C TYR A 859 12.75 -24.36 -17.97
N ALA A 860 13.30 -24.13 -16.78
CA ALA A 860 12.74 -24.67 -15.56
C ALA A 860 11.33 -24.11 -15.29
N GLU A 861 11.12 -22.84 -15.59
CA GLU A 861 9.81 -22.21 -15.42
C GLU A 861 8.83 -22.70 -16.48
N ARG A 862 9.31 -22.87 -17.71
CA ARG A 862 8.49 -23.42 -18.80
C ARG A 862 8.00 -24.81 -18.47
N GLN A 863 8.85 -25.64 -17.87
CA GLN A 863 8.48 -27.01 -17.49
C GLN A 863 7.60 -27.08 -16.24
N GLY A 864 7.52 -25.98 -15.50
CA GLY A 864 6.76 -25.92 -14.26
C GLY A 864 7.51 -26.44 -13.06
N PHE A 865 8.84 -26.54 -13.15
CA PHE A 865 9.64 -27.10 -12.06
C PHE A 865 9.67 -26.24 -10.80
N HIS A 866 9.22 -25.00 -10.92
CA HIS A 866 9.16 -24.07 -9.80
C HIS A 866 7.98 -24.34 -8.87
N GLN A 867 7.13 -25.29 -9.21
CA GLN A 867 5.97 -25.64 -8.40
C GLN A 867 6.32 -26.74 -7.40
N PRO A 868 5.48 -26.94 -6.37
CA PRO A 868 5.64 -28.05 -5.43
C PRO A 868 5.83 -29.43 -6.09
N GLU A 869 6.74 -30.23 -5.52
CA GLU A 869 6.99 -31.62 -5.93
C GLU A 869 7.42 -31.74 -7.39
N PRO A 870 8.55 -31.12 -7.74
CA PRO A 870 9.08 -31.24 -9.08
C PRO A 870 9.74 -32.60 -9.25
N PRO A 871 10.00 -33.02 -10.50
CA PRO A 871 10.54 -34.35 -10.74
C PRO A 871 12.06 -34.36 -10.55
N SER A 872 12.50 -34.14 -9.32
CA SER A 872 13.91 -33.92 -9.04
C SER A 872 14.68 -35.14 -8.48
N GLN A 873 14.07 -36.32 -8.47
CA GLN A 873 14.73 -37.53 -7.94
C GLN A 873 16.12 -37.78 -8.53
N ASN A 874 16.25 -37.63 -9.84
CA ASN A 874 17.51 -37.95 -10.53
C ASN A 874 18.43 -36.76 -10.71
N TRP A 875 18.03 -35.59 -10.23
CA TRP A 875 18.85 -34.38 -10.40
C TRP A 875 20.11 -34.45 -9.53
N LYS A 876 21.07 -33.62 -9.89
CA LYS A 876 22.31 -33.53 -9.17
C LYS A 876 22.06 -32.83 -7.83
N SER A 877 22.78 -33.24 -6.78
CA SER A 877 22.72 -32.60 -5.47
C SER A 877 23.70 -31.45 -5.42
N SER A 878 23.18 -30.23 -5.40
CA SER A 878 24.00 -29.04 -5.41
C SER A 878 23.17 -27.87 -4.92
N SER A 879 23.82 -26.96 -4.20
CA SER A 879 23.19 -25.87 -3.48
C SER A 879 23.43 -24.54 -4.20
N PRO A 880 22.50 -23.57 -4.06
CA PRO A 880 22.78 -22.24 -4.59
C PRO A 880 23.91 -21.52 -3.85
N LEU A 881 24.28 -22.02 -2.68
CA LEU A 881 25.42 -21.50 -1.94
C LEU A 881 26.76 -22.04 -2.47
N GLU A 882 26.72 -23.10 -3.27
CA GLU A 882 27.88 -23.56 -4.02
C GLU A 882 27.88 -22.84 -5.39
N GLY A 883 26.71 -22.83 -6.03
CA GLY A 883 26.49 -21.99 -7.20
C GLY A 883 27.18 -22.45 -8.47
N LEU A 884 27.55 -21.49 -9.31
CA LEU A 884 28.07 -21.75 -10.64
C LEU A 884 29.51 -21.29 -10.74
N SER A 885 30.31 -22.05 -11.50
CA SER A 885 31.71 -21.71 -11.71
C SER A 885 31.91 -21.05 -13.08
N GLU A 886 30.84 -20.82 -13.82
CA GLU A 886 30.92 -20.01 -15.04
C GLU A 886 29.58 -19.35 -15.33
N ALA A 887 29.57 -18.43 -16.30
CA ALA A 887 28.35 -17.72 -16.65
C ALA A 887 27.26 -18.72 -17.00
N GLY A 888 26.04 -18.44 -16.55
CA GLY A 888 24.92 -19.34 -16.81
C GLY A 888 23.80 -19.12 -15.84
N ILE A 889 22.87 -20.07 -15.80
CA ILE A 889 21.70 -19.96 -14.94
C ILE A 889 21.37 -21.32 -14.37
N GLY A 890 21.42 -21.44 -13.05
CA GLY A 890 21.10 -22.68 -12.38
C GLY A 890 19.72 -22.63 -11.76
N PHE A 891 19.09 -23.78 -11.63
CA PHE A 891 17.81 -23.88 -10.95
C PHE A 891 17.96 -24.86 -9.81
N TYR A 892 17.53 -24.45 -8.63
CA TYR A 892 17.70 -25.22 -7.40
C TYR A 892 16.38 -25.44 -6.69
N SER A 893 16.20 -26.65 -6.16
CA SER A 893 14.96 -27.07 -5.51
C SER A 893 15.18 -27.80 -4.19
N ALA A 894 14.44 -27.41 -3.17
CA ALA A 894 14.41 -28.10 -1.90
C ALA A 894 13.08 -27.84 -1.20
N SER A 895 12.66 -28.80 -0.39
CA SER A 895 11.50 -28.65 0.48
C SER A 895 11.95 -28.53 1.92
N PHE A 896 11.05 -28.00 2.75
CA PHE A 896 11.27 -27.92 4.19
C PHE A 896 9.94 -27.84 4.90
N ASP A 897 9.90 -28.41 6.09
CA ASP A 897 8.69 -28.41 6.89
C ASP A 897 8.73 -27.29 7.92
N LEU A 898 7.55 -26.78 8.25
CA LEU A 898 7.38 -25.84 9.33
C LEU A 898 6.37 -26.47 10.26
N ASP A 899 6.52 -26.19 11.56
CA ASP A 899 5.53 -26.59 12.56
C ASP A 899 5.44 -25.48 13.61
N LEU A 900 4.86 -24.36 13.20
CA LEU A 900 4.73 -23.20 14.07
C LEU A 900 3.42 -23.25 14.85
N PRO A 901 3.44 -22.76 16.09
CA PRO A 901 2.27 -22.86 16.96
C PRO A 901 1.06 -22.06 16.49
N LYS A 902 -0.13 -22.64 16.66
CA LYS A 902 -1.38 -21.93 16.44
C LYS A 902 -1.55 -20.77 17.42
N GLY A 903 -2.24 -19.73 16.97
CA GLY A 903 -2.54 -18.57 17.80
C GLY A 903 -1.42 -17.54 17.81
N TRP A 904 -0.43 -17.74 16.95
CA TRP A 904 0.70 -16.82 16.85
C TRP A 904 0.85 -16.33 15.43
N ASP A 905 0.87 -15.01 15.26
CA ASP A 905 1.14 -14.40 13.99
C ASP A 905 2.65 -14.14 13.94
N VAL A 906 3.37 -14.95 13.15
CA VAL A 906 4.82 -14.88 13.08
C VAL A 906 5.29 -14.48 11.68
N PRO A 907 5.84 -13.27 11.53
CA PRO A 907 6.34 -12.88 10.21
C PRO A 907 7.64 -13.60 9.84
N LEU A 908 7.68 -14.25 8.68
CA LEU A 908 8.87 -14.91 8.19
C LEU A 908 9.52 -14.17 7.03
N PHE A 909 10.84 -14.27 6.95
CA PHE A 909 11.63 -13.57 5.94
C PHE A 909 12.63 -14.50 5.29
N LEU A 910 12.81 -14.35 3.98
CA LEU A 910 13.93 -14.94 3.25
C LEU A 910 15.03 -13.90 3.20
N ASN A 911 16.26 -14.32 3.49
CA ASN A 911 17.40 -13.41 3.49
C ASN A 911 18.49 -13.90 2.57
N ILE A 912 18.96 -13.00 1.71
CA ILE A 912 20.09 -13.28 0.83
C ILE A 912 21.24 -12.38 1.24
N GLY A 913 22.40 -12.98 1.50
CA GLY A 913 23.55 -12.25 2.04
C GLY A 913 24.17 -11.28 1.06
N ASN A 914 24.60 -10.14 1.59
CA ASN A 914 25.35 -9.16 0.83
C ASN A 914 26.28 -8.36 1.73
N SER A 915 27.10 -9.06 2.50
CA SER A 915 27.96 -8.42 3.52
C SER A 915 29.17 -7.73 2.89
N THR A 916 29.56 -8.21 1.71
CA THR A 916 30.66 -7.61 0.95
C THR A 916 30.26 -7.44 -0.51
N THR A 917 30.97 -6.55 -1.21
CA THR A 917 30.66 -6.25 -2.61
C THR A 917 30.66 -7.53 -3.45
N PRO A 918 29.52 -7.87 -4.08
CA PRO A 918 29.42 -9.15 -4.75
C PRO A 918 29.75 -9.07 -6.24
N SER A 919 29.93 -10.22 -6.86
CA SER A 919 29.91 -10.31 -8.30
C SER A 919 28.45 -10.18 -8.79
N PRO A 920 28.25 -9.84 -10.07
CA PRO A 920 26.88 -9.63 -10.56
C PRO A 920 26.10 -10.93 -10.76
N TYR A 921 25.00 -11.08 -10.02
CA TYR A 921 24.08 -12.18 -10.25
C TYR A 921 22.66 -11.80 -9.90
N ARG A 922 21.72 -12.49 -10.52
CA ARG A 922 20.31 -12.27 -10.32
C ARG A 922 19.65 -13.54 -9.83
N VAL A 923 18.70 -13.39 -8.92
CA VAL A 923 18.05 -14.51 -8.28
C VAL A 923 16.54 -14.29 -8.35
N GLN A 924 15.80 -15.37 -8.53
CA GLN A 924 14.36 -15.37 -8.27
C GLN A 924 14.08 -16.48 -7.30
N VAL A 925 13.20 -16.22 -6.33
CA VAL A 925 12.77 -17.27 -5.43
C VAL A 925 11.28 -17.48 -5.52
N TYR A 926 10.90 -18.73 -5.74
CA TYR A 926 9.52 -19.16 -5.79
C TYR A 926 9.25 -19.94 -4.51
N VAL A 927 8.19 -19.55 -3.81
CA VAL A 927 7.77 -20.22 -2.60
C VAL A 927 6.45 -20.87 -2.92
N ASN A 928 6.43 -22.19 -2.88
CA ASN A 928 5.26 -22.96 -3.28
C ASN A 928 4.72 -22.53 -4.63
N GLY A 929 5.65 -22.17 -5.52
CA GLY A 929 5.34 -21.81 -6.89
C GLY A 929 5.15 -20.34 -7.11
N TYR A 930 5.01 -19.58 -6.04
CA TYR A 930 4.79 -18.14 -6.12
C TYR A 930 6.10 -17.39 -6.02
N GLN A 931 6.39 -16.57 -7.01
CA GLN A 931 7.62 -15.80 -6.98
C GLN A 931 7.49 -14.65 -6.00
N TYR A 932 8.29 -14.68 -4.94
CA TYR A 932 8.23 -13.71 -3.85
C TYR A 932 9.57 -13.06 -3.56
N ALA A 933 10.49 -13.16 -4.50
CA ALA A 933 11.74 -12.43 -4.42
C ALA A 933 12.38 -12.31 -5.79
N LYS A 934 12.75 -11.08 -6.12
CA LYS A 934 13.60 -10.79 -7.25
C LYS A 934 14.80 -10.01 -6.70
N TYR A 935 16.00 -10.49 -6.97
CA TYR A 935 17.21 -9.98 -6.31
C TYR A 935 18.27 -9.68 -7.35
N ILE A 936 18.87 -8.49 -7.26
CA ILE A 936 20.00 -8.12 -8.09
C ILE A 936 21.16 -7.75 -7.18
N SER A 937 22.19 -8.60 -7.18
CA SER A 937 23.31 -8.49 -6.25
C SER A 937 24.00 -7.13 -6.33
N ASN A 938 24.24 -6.66 -7.54
CA ASN A 938 25.00 -5.42 -7.76
C ASN A 938 24.18 -4.11 -7.67
N ILE A 939 22.87 -4.23 -7.48
CA ILE A 939 21.99 -3.06 -7.49
C ILE A 939 21.18 -2.91 -6.20
N GLY A 940 20.54 -3.98 -5.74
CA GLY A 940 19.79 -3.94 -4.49
C GLY A 940 18.58 -3.01 -4.50
N PRO A 941 18.15 -2.52 -3.32
CA PRO A 941 18.76 -2.71 -2.00
C PRO A 941 18.19 -3.89 -1.21
N GLN A 942 17.20 -4.60 -1.74
CA GLN A 942 16.49 -5.61 -0.94
C GLN A 942 17.32 -6.87 -0.76
N THR A 943 17.53 -7.24 0.51
CA THR A 943 18.10 -8.52 0.90
C THR A 943 17.16 -9.33 1.78
N SER A 944 16.16 -8.65 2.36
CA SER A 944 15.19 -9.29 3.25
C SER A 944 13.81 -9.30 2.59
N PHE A 945 13.26 -10.51 2.40
CA PHE A 945 12.04 -10.70 1.61
C PHE A 945 10.93 -11.36 2.44
N PRO A 946 9.90 -10.59 2.84
CA PRO A 946 8.84 -11.20 3.63
C PRO A 946 7.97 -12.10 2.79
N VAL A 947 7.48 -13.18 3.39
CA VAL A 947 6.61 -14.11 2.69
C VAL A 947 5.48 -14.45 3.65
N PRO A 948 4.23 -14.15 3.26
CA PRO A 948 3.13 -14.31 4.20
C PRO A 948 2.65 -15.74 4.37
N GLU A 949 2.03 -15.97 5.53
CA GLU A 949 1.34 -17.21 5.83
C GLU A 949 0.19 -17.34 4.82
N GLY A 950 -0.02 -18.54 4.29
CA GLY A 950 -0.97 -18.76 3.21
C GLY A 950 -0.23 -19.11 1.93
N ILE A 951 0.83 -18.34 1.65
CA ILE A 951 1.82 -18.69 0.65
C ILE A 951 2.73 -19.75 1.28
N LEU A 952 3.24 -19.45 2.46
CA LEU A 952 3.93 -20.42 3.30
C LEU A 952 2.92 -21.21 4.12
N ASN A 953 3.23 -22.48 4.36
CA ASN A 953 2.40 -23.37 5.16
C ASN A 953 3.07 -23.61 6.49
N TYR A 954 2.52 -23.01 7.54
CA TYR A 954 3.18 -22.94 8.84
C TYR A 954 3.19 -24.28 9.57
N ARG A 955 2.30 -25.19 9.18
CA ARG A 955 2.26 -26.53 9.73
C ARG A 955 2.15 -27.53 8.58
N GLY A 956 3.23 -27.62 7.82
CA GLY A 956 3.25 -28.48 6.66
C GLY A 956 4.50 -28.29 5.84
N THR A 957 4.48 -28.80 4.63
CA THR A 957 5.65 -28.83 3.77
C THR A 957 5.63 -27.65 2.83
N ASN A 958 6.81 -27.07 2.61
CA ASN A 958 6.98 -25.93 1.72
C ASN A 958 8.06 -26.20 0.69
N TRP A 959 8.01 -25.48 -0.43
CA TRP A 959 8.95 -25.73 -1.53
C TRP A 959 9.61 -24.45 -1.95
N LEU A 960 10.93 -24.47 -1.97
CA LEU A 960 11.71 -23.37 -2.51
C LEU A 960 12.27 -23.77 -3.85
N ALA A 961 12.10 -22.87 -4.81
CA ALA A 961 12.75 -22.99 -6.09
C ALA A 961 13.51 -21.70 -6.31
N VAL A 962 14.80 -21.83 -6.58
CA VAL A 962 15.67 -20.67 -6.72
C VAL A 962 16.29 -20.71 -8.09
N THR A 963 16.22 -19.60 -8.81
CA THR A 963 17.02 -19.43 -10.02
C THR A 963 18.17 -18.51 -9.69
N LEU A 964 19.35 -18.87 -10.17
CA LEU A 964 20.56 -18.08 -9.99
C LEU A 964 21.23 -17.88 -11.34
N TRP A 965 21.25 -16.63 -11.79
CA TRP A 965 21.83 -16.25 -13.05
C TRP A 965 23.10 -15.48 -12.73
N ALA A 966 24.23 -16.03 -13.18
CA ALA A 966 25.52 -15.39 -13.01
C ALA A 966 25.86 -14.61 -14.28
N LEU A 967 26.04 -13.30 -14.14
CA LEU A 967 26.39 -12.44 -15.27
C LEU A 967 27.88 -12.14 -15.21
N ASP A 968 28.66 -13.20 -15.05
CA ASP A 968 30.10 -13.09 -14.86
C ASP A 968 30.70 -14.39 -15.38
N SER A 969 31.79 -14.30 -16.14
CA SER A 969 32.45 -15.51 -16.69
C SER A 969 32.93 -16.48 -15.60
N ALA A 970 33.23 -15.94 -14.42
CA ALA A 970 33.64 -16.73 -13.26
C ALA A 970 32.47 -17.30 -12.46
N GLY A 971 31.25 -17.17 -12.96
CA GLY A 971 30.09 -17.75 -12.30
C GLY A 971 29.63 -16.91 -11.11
N GLY A 972 29.16 -17.56 -10.07
CA GLY A 972 28.57 -16.85 -8.93
C GLY A 972 27.82 -17.76 -7.97
N LYS A 973 27.63 -17.28 -6.76
CA LYS A 973 26.93 -18.04 -5.75
C LYS A 973 26.29 -17.11 -4.72
N LEU A 974 25.30 -17.63 -3.99
CA LEU A 974 24.77 -16.93 -2.83
C LEU A 974 25.78 -17.00 -1.70
N GLU A 975 26.04 -15.86 -1.08
CA GLU A 975 26.84 -15.78 0.13
C GLU A 975 26.12 -16.50 1.29
N SER A 976 24.85 -16.17 1.49
CA SER A 976 24.00 -16.85 2.47
C SER A 976 22.54 -16.81 2.03
N LEU A 977 21.79 -17.74 2.59
CA LEU A 977 20.36 -17.85 2.33
C LEU A 977 19.68 -18.32 3.61
N GLU A 978 18.92 -17.44 4.26
CA GLU A 978 18.39 -17.72 5.58
C GLU A 978 16.92 -17.39 5.74
N LEU A 979 16.25 -18.24 6.50
CA LEU A 979 14.91 -17.96 6.97
C LEU A 979 15.07 -17.26 8.33
N SER A 980 14.27 -16.23 8.57
CA SER A 980 14.27 -15.56 9.87
C SER A 980 12.86 -15.12 10.24
N TYR A 981 12.73 -14.64 11.47
CA TYR A 981 11.46 -14.15 11.94
C TYR A 981 11.65 -12.93 12.81
N THR A 982 10.59 -12.15 12.95
CA THR A 982 10.56 -11.04 13.91
C THR A 982 9.50 -11.31 14.97
N THR A 983 9.41 -10.41 15.95
CA THR A 983 8.57 -10.59 17.13
C THR A 983 7.30 -11.38 16.87
N PRO A 984 7.20 -12.58 17.46
CA PRO A 984 5.94 -13.32 17.41
C PRO A 984 4.82 -12.55 18.11
N VAL A 985 3.63 -12.54 17.51
CA VAL A 985 2.50 -11.82 18.05
C VAL A 985 1.40 -12.79 18.46
N LEU A 986 1.01 -12.73 19.73
CA LEU A 986 -0.14 -13.49 20.20
C LEU A 986 -1.37 -12.83 19.58
N THR A 987 -2.12 -13.58 18.77
CA THR A 987 -3.07 -12.95 17.85
C THR A 987 -4.49 -13.46 17.99
N ALA A 988 -5.46 -12.61 17.70
CA ALA A 988 -6.87 -13.02 17.65
C ALA A 988 -7.23 -13.65 16.29
N LEU A 989 -6.38 -13.49 15.30
CA LEU A 989 -6.63 -14.00 13.95
C LEU A 989 -6.95 -15.49 13.91
N GLY A 990 -7.83 -15.86 12.98
CA GLY A 990 -8.17 -17.26 12.78
C GLY A 990 -7.06 -17.98 12.06
N GLU A 991 -7.21 -19.30 11.92
CA GLU A 991 -6.37 -20.08 11.01
C GLU A 991 -6.26 -19.36 9.68
N VAL A 992 -5.04 -19.30 9.16
CA VAL A 992 -4.83 -18.83 7.81
C VAL A 992 -4.81 -20.04 6.90
N GLU A 993 -5.84 -20.14 6.05
CA GLU A 993 -5.93 -21.20 5.05
C GLU A 993 -4.83 -21.00 3.99
N SER A 994 -4.18 -22.11 3.62
CA SER A 994 -3.21 -22.08 2.53
C SER A 994 -3.92 -21.77 1.22
N VAL A 995 -3.38 -20.85 0.44
CA VAL A 995 -3.91 -20.60 -0.89
C VAL A 995 -3.58 -21.81 -1.75
N ASP A 996 -4.28 -21.93 -2.87
CA ASP A 996 -4.06 -23.03 -3.80
C ASP A 996 -2.59 -23.02 -4.24
N GLN A 997 -1.97 -24.18 -4.19
CA GLN A 997 -0.56 -24.35 -4.55
C GLN A 997 -0.40 -25.53 -5.49
N PRO A 998 -0.86 -25.39 -6.75
CA PRO A 998 -0.80 -26.52 -7.66
C PRO A 998 0.59 -27.11 -7.73
N LYS A 999 0.67 -28.43 -7.61
CA LYS A 999 1.94 -29.12 -7.71
C LYS A 999 2.39 -29.22 -9.17
N TYR A 1000 3.68 -29.50 -9.36
CA TYR A 1000 4.23 -29.75 -10.69
C TYR A 1000 3.44 -30.80 -11.43
N LYS A 1001 3.18 -30.55 -12.71
CA LYS A 1001 2.63 -31.54 -13.62
C LYS A 1001 3.28 -31.35 -14.98
N LYS A 1002 3.54 -32.44 -15.68
CA LYS A 1002 4.15 -32.35 -16.99
C LYS A 1002 3.28 -31.50 -17.92
N ARG A 1003 3.90 -30.52 -18.57
CA ARG A 1003 3.20 -29.65 -19.52
C ARG A 1003 3.43 -30.11 -20.95
N LYS A 1004 2.36 -30.51 -21.62
CA LYS A 1004 2.43 -31.03 -22.99
C LYS A 1004 2.83 -29.97 -24.02
N GLY A 1005 2.58 -28.70 -23.73
CA GLY A 1005 2.95 -27.61 -24.63
C GLY A 1005 4.39 -27.14 -24.52
N ALA A 1006 5.18 -27.75 -23.64
CA ALA A 1006 6.61 -27.43 -23.51
C ALA A 1006 7.41 -27.80 -24.76
N TYR A 1007 8.59 -27.21 -24.90
CA TYR A 1007 9.38 -27.36 -26.14
C TYR A 1007 10.20 -28.66 -26.26
N HIS A 1008 10.26 -29.48 -25.23
CA HIS A 1008 11.00 -30.75 -25.29
C HIS A 1008 10.23 -31.86 -26.05
#